data_9ETR
#
_entry.id   9ETR
#
_cell.length_a   48.272
_cell.length_b   92.583
_cell.length_c   165.252
_cell.angle_alpha   90.00
_cell.angle_beta   90.00
_cell.angle_gamma   90.00
#
_symmetry.space_group_name_H-M   'P 21 21 21'
#
loop_
_entity.id
_entity.type
_entity.pdbx_description
1 polymer 'Poly [ADP-ribose] polymerase 1, processed C-terminus'
2 non-polymer 6-fluoranyl-5-[4-[(5-fluoranyl-2-methyl-3-oxidanylidene-4~{H}-quinoxalin-6-yl)methyl]piperazin-1-yl]-~{N}-methyl-pyridine-2-carboxamide
3 non-polymer 'SULFATE ION'
4 water water
#
_entity_poly.entity_id   1
_entity_poly.type   'polypeptide(L)'
_entity_poly.pdbx_seq_one_letter_code
;GPLGSKSKLPKPVQDLIKMIFDVESMKKAMVEYEIDLQKMPLGKLSKRQIQAAYSILSEVQQAVSQGSSDSQILDLSNRF
YTLIPHDFGMKKPPLLNNADSVQAKAEMLDNLLDIEVAYSLLRGGSDDSSKDPIDVNYEKLKTDIKVVDRDSEEAEIIRK
YVKNTHATTHNAYDLEVIDIFKIEREGECQRYKPFKQLHNRRLLWHGSRTTNFAGILSQGLRIAPPEAPVTGYMFGKGIY
FADMVSKSANYCHTSQGDPIGLILLGEVALGNMYELKHASHISKLPKGKHSVKGLGKTTPDPSANISLDGVDVPLGTGIS
SGVNDTSLLYNEYIVYDIAQVNLKYLLKLKFNFKT
;
_entity_poly.pdbx_strand_id   A,B
#
loop_
_chem_comp.id
_chem_comp.type
_chem_comp.name
_chem_comp.formula
A1H64 non-polymer 6-fluoranyl-5-[4-[(5-fluoranyl-2-methyl-3-oxidanylidene-4~{H}-quinoxalin-6-yl)methyl]piperazin-1-yl]-~{N}-methyl-pyridine-2-carboxamide 'C21 H22 F2 N6 O2'
SO4 non-polymer 'SULFATE ION' 'O4 S -2'
#
# COMPACT_ATOMS: atom_id res chain seq x y z
N LYS A 6 -21.98 44.28 -22.08
CA LYS A 6 -21.00 43.86 -21.07
C LYS A 6 -21.68 43.35 -19.77
N SER A 7 -21.11 42.30 -19.20
CA SER A 7 -21.53 41.59 -17.99
C SER A 7 -21.77 42.48 -16.73
N LYS A 8 -22.90 42.20 -16.03
CA LYS A 8 -23.31 42.83 -14.78
C LYS A 8 -22.72 42.06 -13.59
N LEU A 9 -22.02 40.95 -13.85
CA LEU A 9 -21.38 40.13 -12.80
C LEU A 9 -20.31 40.93 -12.03
N PRO A 10 -20.13 40.67 -10.71
CA PRO A 10 -19.08 41.36 -9.97
C PRO A 10 -17.72 41.15 -10.65
N LYS A 11 -16.86 42.19 -10.66
CA LYS A 11 -15.54 42.11 -11.26
C LYS A 11 -14.72 40.89 -10.74
N PRO A 12 -14.71 40.56 -9.42
CA PRO A 12 -13.97 39.37 -8.98
C PRO A 12 -14.48 38.06 -9.59
N VAL A 13 -15.81 37.95 -9.85
CA VAL A 13 -16.44 36.77 -10.46
C VAL A 13 -16.02 36.68 -11.94
N GLN A 14 -15.97 37.83 -12.63
CA GLN A 14 -15.56 37.96 -14.04
C GLN A 14 -14.12 37.50 -14.25
N ASP A 15 -13.22 37.94 -13.34
CA ASP A 15 -11.80 37.60 -13.37
C ASP A 15 -11.60 36.13 -13.11
N LEU A 16 -12.45 35.54 -12.24
CA LEU A 16 -12.42 34.11 -11.92
C LEU A 16 -12.75 33.26 -13.15
N ILE A 17 -13.83 33.62 -13.88
CA ILE A 17 -14.28 32.92 -15.09
C ILE A 17 -13.19 32.96 -16.17
N LYS A 18 -12.53 34.13 -16.34
CA LYS A 18 -11.50 34.33 -17.35
C LYS A 18 -10.28 33.45 -17.08
N MET A 19 -9.91 33.37 -15.80
CA MET A 19 -8.83 32.59 -15.24
C MET A 19 -9.02 31.12 -15.55
N ILE A 20 -10.19 30.55 -15.17
CA ILE A 20 -10.50 29.14 -15.31
C ILE A 20 -10.81 28.71 -16.74
N PHE A 21 -11.26 29.62 -17.63
CA PHE A 21 -11.54 29.23 -19.02
C PHE A 21 -10.36 29.58 -20.00
N ASP A 22 -9.17 29.93 -19.44
CA ASP A 22 -7.95 30.27 -20.20
C ASP A 22 -7.42 29.04 -20.95
N VAL A 23 -7.48 29.08 -22.29
CA VAL A 23 -7.06 28.02 -23.22
C VAL A 23 -5.54 27.84 -23.21
N GLU A 24 -4.78 28.95 -23.14
CA GLU A 24 -3.33 28.94 -23.11
C GLU A 24 -2.79 28.36 -21.79
N SER A 25 -3.58 28.46 -20.69
CA SER A 25 -3.21 27.86 -19.39
C SER A 25 -3.37 26.34 -19.49
N MET A 26 -4.43 25.89 -20.19
CA MET A 26 -4.75 24.49 -20.45
C MET A 26 -3.65 23.87 -21.27
N LYS A 27 -3.16 24.61 -22.28
CA LYS A 27 -2.05 24.21 -23.15
C LYS A 27 -0.72 24.19 -22.36
N LYS A 28 -0.45 25.23 -21.55
CA LYS A 28 0.76 25.32 -20.71
C LYS A 28 0.82 24.14 -19.74
N ALA A 29 -0.36 23.68 -19.26
CA ALA A 29 -0.45 22.54 -18.36
C ALA A 29 -0.13 21.24 -19.10
N MET A 30 -0.55 21.10 -20.36
CA MET A 30 -0.26 19.90 -21.16
C MET A 30 1.22 19.80 -21.50
N VAL A 31 1.85 20.94 -21.81
CA VAL A 31 3.29 21.09 -22.12
C VAL A 31 4.15 20.69 -20.89
N GLU A 32 3.68 21.02 -19.67
CA GLU A 32 4.31 20.70 -18.38
C GLU A 32 4.42 19.18 -18.18
N TYR A 33 3.47 18.43 -18.77
CA TYR A 33 3.40 16.97 -18.71
C TYR A 33 4.21 16.31 -19.81
N GLU A 34 4.85 17.13 -20.66
CA GLU A 34 5.66 16.75 -21.81
C GLU A 34 4.83 16.06 -22.91
N ILE A 35 3.54 16.43 -23.05
CA ILE A 35 2.65 15.89 -24.08
C ILE A 35 2.97 16.60 -25.41
N ASP A 36 3.01 15.82 -26.50
CA ASP A 36 3.23 16.35 -27.84
C ASP A 36 1.89 16.92 -28.32
N LEU A 37 1.76 18.27 -28.36
CA LEU A 37 0.52 18.98 -28.76
C LEU A 37 0.28 18.93 -30.25
N GLN A 38 1.33 18.63 -31.02
CA GLN A 38 1.22 18.48 -32.47
C GLN A 38 0.59 17.12 -32.75
N LYS A 39 1.12 16.05 -32.08
CA LYS A 39 0.64 14.66 -32.19
C LYS A 39 -0.73 14.50 -31.54
N MET A 40 -1.05 15.37 -30.57
CA MET A 40 -2.34 15.35 -29.87
C MET A 40 -2.70 16.69 -29.18
N PRO A 41 -3.41 17.59 -29.89
CA PRO A 41 -3.83 18.84 -29.24
C PRO A 41 -4.96 18.70 -28.22
N LEU A 42 -5.31 19.84 -27.57
CA LEU A 42 -6.37 20.02 -26.58
C LEU A 42 -7.70 19.49 -27.10
N GLY A 43 -7.96 19.70 -28.39
CA GLY A 43 -9.20 19.31 -29.04
C GLY A 43 -9.31 17.83 -29.36
N LYS A 44 -8.16 17.12 -29.33
CA LYS A 44 -8.11 15.68 -29.58
C LYS A 44 -8.26 14.86 -28.28
N LEU A 45 -8.18 15.56 -27.13
CA LEU A 45 -8.33 14.96 -25.80
C LEU A 45 -9.75 14.39 -25.65
N SER A 46 -9.86 13.10 -25.28
CA SER A 46 -11.14 12.41 -25.06
C SER A 46 -11.07 11.46 -23.89
N LYS A 47 -12.21 11.19 -23.23
CA LYS A 47 -12.35 10.30 -22.05
C LYS A 47 -11.88 8.89 -22.37
N ARG A 48 -12.38 8.35 -23.50
CA ARG A 48 -12.08 7.10 -24.16
C ARG A 48 -10.54 6.85 -24.21
N GLN A 49 -9.78 7.84 -24.66
CA GLN A 49 -8.32 7.77 -24.80
C GLN A 49 -7.67 7.78 -23.43
N ILE A 50 -8.13 8.70 -22.54
CA ILE A 50 -7.65 8.85 -21.15
C ILE A 50 -7.87 7.55 -20.39
N GLN A 51 -9.08 6.96 -20.50
CA GLN A 51 -9.43 5.68 -19.84
C GLN A 51 -8.56 4.50 -20.34
N ALA A 52 -8.24 4.46 -21.67
CA ALA A 52 -7.38 3.44 -22.28
C ALA A 52 -5.95 3.60 -21.72
N ALA A 53 -5.52 4.87 -21.54
CA ALA A 53 -4.21 5.22 -20.94
C ALA A 53 -4.12 4.76 -19.47
N TYR A 54 -5.20 4.91 -18.70
CA TYR A 54 -5.28 4.45 -17.31
C TYR A 54 -5.14 2.94 -17.25
N SER A 55 -5.86 2.24 -18.13
CA SER A 55 -5.93 0.81 -18.22
C SER A 55 -4.53 0.21 -18.52
N ILE A 56 -3.77 0.85 -19.45
CA ILE A 56 -2.40 0.40 -19.76
C ILE A 56 -1.47 0.64 -18.55
N LEU A 57 -1.68 1.75 -17.81
CA LEU A 57 -0.93 2.08 -16.59
C LEU A 57 -1.18 1.03 -15.51
N SER A 58 -2.41 0.46 -15.50
CA SER A 58 -2.77 -0.62 -14.58
C SER A 58 -2.05 -1.89 -14.99
N GLU A 59 -1.89 -2.11 -16.31
CA GLU A 59 -1.13 -3.27 -16.79
C GLU A 59 0.36 -3.11 -16.45
N VAL A 60 0.91 -1.87 -16.55
CA VAL A 60 2.30 -1.54 -16.19
C VAL A 60 2.47 -1.86 -14.69
N GLN A 61 1.53 -1.35 -13.84
CA GLN A 61 1.44 -1.54 -12.39
C GLN A 61 1.51 -3.03 -12.02
N GLN A 62 0.81 -3.89 -12.77
CA GLN A 62 0.77 -5.33 -12.55
C GLN A 62 2.12 -5.96 -12.83
N ALA A 63 2.78 -5.51 -13.92
CA ALA A 63 4.09 -5.95 -14.34
C ALA A 63 5.18 -5.51 -13.34
N VAL A 64 5.06 -4.30 -12.75
CA VAL A 64 6.08 -3.81 -11.80
C VAL A 64 5.96 -4.54 -10.45
N SER A 65 4.72 -4.68 -9.93
CA SER A 65 4.44 -5.35 -8.64
C SER A 65 4.78 -6.83 -8.67
N GLN A 66 4.62 -7.48 -9.84
CA GLN A 66 4.93 -8.90 -10.03
C GLN A 66 6.39 -9.13 -10.43
N GLY A 67 7.17 -8.05 -10.40
CA GLY A 67 8.60 -8.04 -10.68
C GLY A 67 9.01 -8.55 -12.05
N SER A 68 8.54 -7.88 -13.11
CA SER A 68 8.94 -8.23 -14.47
C SER A 68 10.25 -7.49 -14.77
N SER A 69 11.02 -7.96 -15.76
CA SER A 69 12.28 -7.31 -16.15
C SER A 69 11.99 -6.06 -16.98
N ASP A 70 12.97 -5.11 -17.06
CA ASP A 70 12.89 -3.88 -17.84
C ASP A 70 12.70 -4.15 -19.34
N SER A 71 13.16 -5.33 -19.80
CA SER A 71 13.00 -5.79 -21.19
C SER A 71 11.55 -6.24 -21.42
N GLN A 72 10.95 -6.90 -20.39
CA GLN A 72 9.57 -7.38 -20.39
C GLN A 72 8.54 -6.24 -20.29
N ILE A 73 8.76 -5.25 -19.39
CA ILE A 73 7.85 -4.11 -19.19
C ILE A 73 7.94 -3.11 -20.33
N LEU A 74 9.08 -3.05 -21.07
CA LEU A 74 9.30 -2.11 -22.17
C LEU A 74 8.09 -1.97 -23.08
N ASP A 75 7.51 -3.11 -23.47
CA ASP A 75 6.33 -3.23 -24.31
C ASP A 75 5.13 -2.49 -23.73
N LEU A 76 4.86 -2.64 -22.42
CA LEU A 76 3.73 -2.00 -21.72
C LEU A 76 3.94 -0.51 -21.51
N SER A 77 5.20 -0.08 -21.30
CA SER A 77 5.56 1.34 -21.14
C SER A 77 5.32 2.09 -22.44
N ASN A 78 5.69 1.47 -23.60
CA ASN A 78 5.55 2.07 -24.93
C ASN A 78 4.08 2.23 -25.32
N ARG A 79 3.22 1.27 -24.86
CA ARG A 79 1.77 1.21 -25.11
C ARG A 79 1.06 2.43 -24.56
N PHE A 80 1.57 3.00 -23.45
CA PHE A 80 1.02 4.18 -22.78
C PHE A 80 1.34 5.40 -23.63
N TYR A 81 2.62 5.52 -24.05
CA TYR A 81 3.16 6.63 -24.86
C TYR A 81 2.51 6.68 -26.24
N THR A 82 1.87 5.56 -26.62
CA THR A 82 1.12 5.38 -27.87
C THR A 82 -0.27 6.01 -27.71
N LEU A 83 -0.85 5.93 -26.50
CA LEU A 83 -2.18 6.44 -26.20
C LEU A 83 -2.12 7.91 -25.77
N ILE A 84 -1.06 8.27 -25.07
CA ILE A 84 -0.83 9.65 -24.66
C ILE A 84 0.52 10.09 -25.25
N PRO A 85 0.54 10.67 -26.49
CA PRO A 85 1.84 11.09 -27.09
C PRO A 85 2.64 12.14 -26.32
N HIS A 86 3.94 11.87 -26.14
CA HIS A 86 4.85 12.76 -25.44
C HIS A 86 5.89 13.42 -26.39
N ASP A 87 6.50 14.52 -25.95
CA ASP A 87 7.45 15.30 -26.76
C ASP A 87 8.86 14.98 -26.41
N PHE A 88 9.43 14.02 -27.15
CA PHE A 88 10.81 13.59 -26.97
C PHE A 88 11.57 13.59 -28.29
N GLY A 89 10.87 13.93 -29.37
CA GLY A 89 11.41 13.96 -30.72
C GLY A 89 11.67 12.55 -31.20
N MET A 90 12.90 12.31 -31.67
CA MET A 90 13.38 11.02 -32.16
C MET A 90 14.10 10.19 -31.10
N LYS A 91 14.04 10.63 -29.84
CA LYS A 91 14.63 9.95 -28.68
C LYS A 91 13.64 8.96 -28.11
N LYS A 92 14.15 7.86 -27.52
CA LYS A 92 13.35 6.85 -26.83
C LYS A 92 12.73 7.48 -25.57
N PRO A 93 11.42 7.26 -25.30
CA PRO A 93 10.82 7.85 -24.09
C PRO A 93 11.36 7.20 -22.79
N PRO A 94 11.30 7.87 -21.62
CA PRO A 94 11.76 7.19 -20.40
C PRO A 94 10.87 5.98 -20.04
N LEU A 95 11.50 4.83 -19.72
CA LEU A 95 10.82 3.58 -19.34
C LEU A 95 10.02 3.73 -18.04
N LEU A 96 8.74 3.30 -18.06
CA LEU A 96 7.90 3.29 -16.85
C LEU A 96 8.02 1.87 -16.24
N ASN A 97 8.99 1.71 -15.32
CA ASN A 97 9.29 0.43 -14.66
C ASN A 97 9.13 0.50 -13.12
N ASN A 98 8.60 1.61 -12.59
CA ASN A 98 8.44 1.81 -11.14
C ASN A 98 7.08 2.40 -10.77
N ALA A 99 6.73 2.33 -9.47
CA ALA A 99 5.47 2.83 -8.92
C ALA A 99 5.40 4.35 -8.95
N ASP A 100 6.55 5.04 -8.78
CA ASP A 100 6.61 6.51 -8.81
C ASP A 100 6.21 7.05 -10.17
N SER A 101 6.62 6.33 -11.22
CA SER A 101 6.35 6.61 -12.63
C SER A 101 4.87 6.43 -12.96
N VAL A 102 4.26 5.38 -12.43
CA VAL A 102 2.85 5.07 -12.63
C VAL A 102 2.01 6.10 -11.86
N GLN A 103 2.45 6.48 -10.63
CA GLN A 103 1.80 7.48 -9.77
C GLN A 103 1.76 8.82 -10.52
N ALA A 104 2.94 9.27 -11.00
CA ALA A 104 3.09 10.50 -11.77
C ALA A 104 2.17 10.52 -13.01
N LYS A 105 2.12 9.41 -13.78
CA LYS A 105 1.25 9.31 -14.96
C LYS A 105 -0.24 9.23 -14.62
N ALA A 106 -0.62 8.54 -13.51
CA ALA A 106 -2.01 8.43 -13.03
C ALA A 106 -2.51 9.84 -12.66
N GLU A 107 -1.62 10.66 -12.00
CA GLU A 107 -1.88 12.06 -11.57
C GLU A 107 -2.10 12.98 -12.77
N MET A 108 -1.27 12.84 -13.82
CA MET A 108 -1.41 13.61 -15.04
C MET A 108 -2.77 13.34 -15.69
N LEU A 109 -3.15 12.05 -15.78
CA LEU A 109 -4.41 11.62 -16.37
C LEU A 109 -5.62 12.19 -15.66
N ASP A 110 -5.61 12.20 -14.30
CA ASP A 110 -6.66 12.79 -13.44
C ASP A 110 -6.89 14.24 -13.85
N ASN A 111 -5.78 15.00 -13.98
CA ASN A 111 -5.79 16.41 -14.38
C ASN A 111 -6.32 16.59 -15.78
N LEU A 112 -5.92 15.70 -16.73
CA LEU A 112 -6.40 15.72 -18.13
C LEU A 112 -7.90 15.50 -18.17
N LEU A 113 -8.46 14.70 -17.23
CA LEU A 113 -9.91 14.49 -17.12
C LEU A 113 -10.68 15.78 -16.79
N ASP A 114 -10.07 16.69 -16.00
CA ASP A 114 -10.71 17.98 -15.70
C ASP A 114 -10.53 18.96 -16.86
N ILE A 115 -9.34 18.98 -17.49
CA ILE A 115 -9.00 19.82 -18.64
C ILE A 115 -9.93 19.55 -19.84
N GLU A 116 -10.25 18.26 -20.10
CA GLU A 116 -11.14 17.77 -21.16
C GLU A 116 -12.55 18.32 -20.91
N VAL A 117 -13.02 18.39 -19.63
CA VAL A 117 -14.35 18.93 -19.30
C VAL A 117 -14.41 20.41 -19.63
N ALA A 118 -13.36 21.16 -19.21
CA ALA A 118 -13.20 22.60 -19.45
C ALA A 118 -13.26 22.94 -20.96
N TYR A 119 -12.47 22.21 -21.77
CA TYR A 119 -12.38 22.43 -23.21
C TYR A 119 -13.67 22.03 -23.92
N SER A 120 -14.33 20.94 -23.46
CA SER A 120 -15.62 20.44 -23.96
C SER A 120 -16.74 21.49 -23.76
N LEU A 121 -16.75 22.13 -22.58
CA LEU A 121 -17.71 23.15 -22.16
C LEU A 121 -17.59 24.39 -23.07
N LEU A 122 -16.36 24.86 -23.22
CA LEU A 122 -15.99 26.00 -24.07
C LEU A 122 -16.29 25.77 -25.58
N ARG A 123 -16.01 24.56 -26.12
CA ARG A 123 -16.23 24.20 -27.51
C ARG A 123 -17.65 23.66 -27.82
N GLY A 124 -18.39 23.34 -26.75
CA GLY A 124 -19.79 22.94 -26.84
C GLY A 124 -20.67 24.18 -26.75
N GLY A 125 -21.96 24.01 -26.81
CA GLY A 125 -22.78 25.22 -26.71
C GLY A 125 -22.95 26.07 -27.95
N SER A 126 -23.46 27.28 -27.71
CA SER A 126 -23.84 28.26 -28.72
C SER A 126 -22.93 29.49 -28.79
N ASP A 127 -22.85 30.09 -29.98
CA ASP A 127 -22.11 31.31 -30.24
C ASP A 127 -23.09 32.49 -30.51
N ASP A 128 -22.96 33.54 -29.70
CA ASP A 128 -23.77 34.74 -29.76
C ASP A 128 -22.87 35.92 -29.45
N SER A 129 -22.56 36.74 -30.47
CA SER A 129 -21.70 37.94 -30.37
C SER A 129 -22.24 38.96 -29.37
N SER A 130 -23.58 39.17 -29.37
CA SER A 130 -24.30 40.13 -28.52
C SER A 130 -24.14 39.88 -27.02
N LYS A 131 -23.76 38.64 -26.64
CA LYS A 131 -23.55 38.26 -25.24
C LYS A 131 -22.09 38.27 -24.84
N ASP A 132 -21.79 38.84 -23.65
CA ASP A 132 -20.43 38.90 -23.12
C ASP A 132 -19.95 37.44 -22.90
N PRO A 133 -18.79 37.02 -23.47
CA PRO A 133 -18.32 35.63 -23.25
C PRO A 133 -18.13 35.20 -21.79
N ILE A 134 -17.94 36.17 -20.88
CA ILE A 134 -17.83 35.93 -19.43
C ILE A 134 -19.20 35.43 -18.90
N ASP A 135 -20.30 36.10 -19.32
CA ASP A 135 -21.68 35.71 -18.99
C ASP A 135 -22.00 34.32 -19.55
N VAL A 136 -21.64 34.08 -20.85
CA VAL A 136 -21.82 32.82 -21.56
C VAL A 136 -21.08 31.71 -20.77
N ASN A 137 -19.78 31.88 -20.54
CA ASN A 137 -18.97 30.88 -19.84
C ASN A 137 -19.35 30.70 -18.36
N TYR A 138 -19.94 31.73 -17.70
CA TYR A 138 -20.39 31.59 -16.31
C TYR A 138 -21.57 30.60 -16.23
N GLU A 139 -22.54 30.71 -17.17
CA GLU A 139 -23.74 29.86 -17.20
C GLU A 139 -23.40 28.40 -17.45
N LYS A 140 -22.29 28.13 -18.16
CA LYS A 140 -21.82 26.78 -18.50
C LYS A 140 -21.52 25.99 -17.25
N LEU A 141 -21.07 26.66 -16.18
CA LEU A 141 -20.68 26.06 -14.91
C LEU A 141 -21.81 25.53 -14.05
N LYS A 142 -23.06 26.01 -14.27
CA LYS A 142 -24.26 25.62 -13.50
C LYS A 142 -23.97 25.69 -11.97
N THR A 143 -23.28 26.77 -11.55
CA THR A 143 -22.85 27.09 -10.18
C THR A 143 -23.20 28.55 -9.89
N ASP A 144 -23.82 28.80 -8.73
CA ASP A 144 -24.10 30.17 -8.26
C ASP A 144 -22.80 30.59 -7.57
N ILE A 145 -22.16 31.65 -8.06
CA ILE A 145 -20.91 32.13 -7.50
C ILE A 145 -21.16 33.54 -6.98
N LYS A 146 -21.01 33.73 -5.67
CA LYS A 146 -21.21 35.04 -5.04
C LYS A 146 -19.92 35.45 -4.32
N VAL A 147 -19.66 36.76 -4.22
CA VAL A 147 -18.47 37.30 -3.53
C VAL A 147 -18.82 37.46 -2.04
N VAL A 148 -17.99 36.91 -1.17
CA VAL A 148 -18.20 37.03 0.28
C VAL A 148 -17.67 38.40 0.75
N ASP A 149 -18.52 39.16 1.49
CA ASP A 149 -18.18 40.47 2.03
C ASP A 149 -17.01 40.35 3.01
N ARG A 150 -15.98 41.19 2.80
CA ARG A 150 -14.73 41.24 3.56
C ARG A 150 -14.91 41.32 5.08
N ASP A 151 -15.93 42.06 5.53
CA ASP A 151 -16.19 42.29 6.95
C ASP A 151 -17.20 41.31 7.58
N SER A 152 -17.68 40.30 6.82
CA SER A 152 -18.62 39.31 7.34
C SER A 152 -17.97 38.32 8.32
N GLU A 153 -18.81 37.59 9.10
CA GLU A 153 -18.36 36.59 10.06
C GLU A 153 -17.70 35.40 9.37
N GLU A 154 -18.34 34.88 8.29
CA GLU A 154 -17.81 33.76 7.49
C GLU A 154 -16.43 34.06 6.90
N ALA A 155 -16.21 35.32 6.45
CA ALA A 155 -14.95 35.81 5.89
C ALA A 155 -13.84 35.85 6.95
N GLU A 156 -14.21 36.24 8.19
CA GLU A 156 -13.31 36.31 9.36
C GLU A 156 -12.83 34.91 9.73
N ILE A 157 -13.76 33.93 9.76
CA ILE A 157 -13.49 32.51 10.07
C ILE A 157 -12.57 31.89 9.01
N ILE A 158 -12.87 32.18 7.72
CA ILE A 158 -12.11 31.67 6.55
C ILE A 158 -10.67 32.20 6.58
N ARG A 159 -10.51 33.51 6.89
CA ARG A 159 -9.21 34.19 6.98
C ARG A 159 -8.40 33.65 8.14
N LYS A 160 -9.05 33.21 9.23
CA LYS A 160 -8.37 32.65 10.41
C LYS A 160 -7.86 31.23 10.11
N TYR A 161 -8.63 30.44 9.35
CA TYR A 161 -8.31 29.08 8.90
C TYR A 161 -7.05 29.12 8.02
N VAL A 162 -6.97 30.07 7.05
CA VAL A 162 -5.82 30.31 6.19
C VAL A 162 -4.61 30.71 7.06
N LYS A 163 -4.79 31.76 7.89
CA LYS A 163 -3.78 32.31 8.81
C LYS A 163 -3.17 31.26 9.78
N ASN A 164 -3.99 30.45 10.45
CA ASN A 164 -3.54 29.50 11.47
C ASN A 164 -3.08 28.11 11.03
N THR A 165 -3.43 27.65 9.82
CA THR A 165 -3.10 26.29 9.42
C THR A 165 -2.05 26.22 8.28
N HIS A 166 -1.19 27.22 8.20
CA HIS A 166 -0.08 27.20 7.23
C HIS A 166 1.10 26.56 7.97
N ALA A 167 1.56 25.40 7.52
CA ALA A 167 2.65 24.64 8.13
C ALA A 167 4.05 25.27 7.96
N THR A 168 4.87 25.14 9.00
CA THR A 168 6.25 25.63 9.03
C THR A 168 7.06 25.00 7.89
N THR A 169 6.86 23.68 7.61
CA THR A 169 7.61 23.01 6.54
C THR A 169 7.25 23.54 5.13
N HIS A 170 6.18 24.34 5.01
CA HIS A 170 5.69 24.94 3.76
C HIS A 170 5.95 26.47 3.72
N ASN A 171 6.99 26.94 4.47
CA ASN A 171 7.35 28.36 4.65
C ASN A 171 8.08 29.05 3.46
N ALA A 172 8.39 28.32 2.36
CA ALA A 172 9.02 28.90 1.15
C ALA A 172 8.06 29.92 0.46
N TYR A 173 6.81 30.01 0.97
CA TYR A 173 5.77 30.95 0.50
C TYR A 173 4.81 31.29 1.62
N ASP A 174 4.13 32.43 1.48
CA ASP A 174 3.07 32.87 2.37
C ASP A 174 1.84 32.99 1.51
N LEU A 175 0.70 33.11 2.13
CA LEU A 175 -0.56 33.16 1.43
C LEU A 175 -1.30 34.44 1.73
N GLU A 176 -1.83 35.05 0.68
CA GLU A 176 -2.64 36.26 0.78
C GLU A 176 -3.99 35.97 0.09
N VAL A 177 -5.09 36.08 0.85
CA VAL A 177 -6.44 35.84 0.33
C VAL A 177 -6.84 37.05 -0.49
N ILE A 178 -7.07 36.86 -1.80
CA ILE A 178 -7.48 37.95 -2.69
C ILE A 178 -9.02 38.06 -2.66
N ASP A 179 -9.71 36.94 -2.96
CA ASP A 179 -11.16 36.89 -2.99
C ASP A 179 -11.70 35.64 -2.33
N ILE A 180 -12.90 35.76 -1.73
CA ILE A 180 -13.64 34.65 -1.14
C ILE A 180 -14.95 34.54 -1.90
N PHE A 181 -15.22 33.36 -2.47
CA PHE A 181 -16.48 33.13 -3.19
C PHE A 181 -17.33 32.11 -2.45
N LYS A 182 -18.63 32.38 -2.33
CA LYS A 182 -19.56 31.42 -1.75
C LYS A 182 -20.10 30.69 -2.97
N ILE A 183 -19.89 29.36 -3.05
CA ILE A 183 -20.30 28.60 -4.24
C ILE A 183 -21.40 27.57 -3.93
N GLU A 184 -22.34 27.44 -4.89
CA GLU A 184 -23.48 26.54 -4.85
C GLU A 184 -23.64 25.84 -6.21
N ARG A 185 -23.15 24.60 -6.30
CA ARG A 185 -23.26 23.80 -7.52
C ARG A 185 -24.68 23.30 -7.63
N GLU A 186 -25.25 23.39 -8.84
CA GLU A 186 -26.59 22.91 -9.13
C GLU A 186 -26.67 21.39 -8.87
N GLY A 187 -27.67 21.00 -8.08
CA GLY A 187 -27.94 19.60 -7.74
C GLY A 187 -27.14 19.01 -6.59
N GLU A 188 -26.02 19.66 -6.24
CA GLU A 188 -25.12 19.18 -5.22
C GLU A 188 -25.78 19.09 -3.84
N CYS A 189 -26.55 20.11 -3.45
CA CYS A 189 -27.24 20.17 -2.16
C CYS A 189 -28.23 19.02 -1.97
N GLN A 190 -28.94 18.63 -3.04
CA GLN A 190 -29.89 17.51 -3.02
C GLN A 190 -29.14 16.17 -2.97
N ARG A 191 -27.99 16.07 -3.67
CA ARG A 191 -27.11 14.89 -3.68
C ARG A 191 -26.56 14.61 -2.25
N TYR A 192 -26.22 15.68 -1.51
CA TYR A 192 -25.62 15.65 -0.19
C TYR A 192 -26.59 15.30 0.93
N LYS A 193 -27.91 15.56 0.74
CA LYS A 193 -28.99 15.31 1.72
C LYS A 193 -28.84 14.03 2.58
N PRO A 194 -28.58 12.79 2.05
CA PRO A 194 -28.46 11.62 2.96
C PRO A 194 -27.31 11.69 3.98
N PHE A 195 -26.39 12.63 3.79
CA PHE A 195 -25.19 12.82 4.59
C PHE A 195 -25.19 14.15 5.36
N LYS A 196 -26.23 14.99 5.17
CA LYS A 196 -26.38 16.32 5.74
C LYS A 196 -26.37 16.36 7.27
N GLN A 197 -26.89 15.32 7.96
CA GLN A 197 -26.91 15.28 9.43
C GLN A 197 -25.94 14.22 10.02
N LEU A 198 -25.06 13.64 9.17
CA LEU A 198 -24.06 12.65 9.58
C LEU A 198 -23.11 13.25 10.62
N HIS A 199 -22.53 12.41 11.48
CA HIS A 199 -21.56 12.89 12.47
C HIS A 199 -20.24 13.10 11.78
N ASN A 200 -19.29 13.83 12.40
CA ASN A 200 -17.98 14.13 11.81
C ASN A 200 -18.12 14.92 10.48
N ARG A 201 -18.86 16.04 10.47
CA ARG A 201 -18.91 16.87 9.26
C ARG A 201 -17.92 18.00 9.45
N ARG A 202 -16.89 18.03 8.58
CA ARG A 202 -15.80 19.01 8.66
C ARG A 202 -15.63 19.85 7.44
N LEU A 203 -15.22 21.12 7.63
CA LEU A 203 -14.95 22.03 6.54
C LEU A 203 -13.46 21.88 6.25
N LEU A 204 -13.14 21.27 5.11
CA LEU A 204 -11.77 20.94 4.73
C LEU A 204 -11.36 21.54 3.41
N TRP A 205 -10.03 21.63 3.21
CA TRP A 205 -9.39 22.19 2.02
C TRP A 205 -9.20 21.17 0.91
N HIS A 206 -9.31 21.65 -0.32
CA HIS A 206 -8.99 20.92 -1.53
C HIS A 206 -8.46 21.93 -2.54
N GLY A 207 -7.14 21.92 -2.70
CA GLY A 207 -6.44 22.74 -3.66
C GLY A 207 -6.32 21.98 -4.96
N SER A 208 -6.27 22.69 -6.07
CA SER A 208 -6.10 22.13 -7.40
C SER A 208 -5.56 23.21 -8.33
N ARG A 209 -5.08 22.81 -9.49
CA ARG A 209 -4.60 23.75 -10.50
C ARG A 209 -5.77 24.56 -11.08
N THR A 210 -5.48 25.75 -11.55
CA THR A 210 -6.47 26.67 -12.10
C THR A 210 -7.22 26.00 -13.23
N THR A 211 -6.54 25.13 -14.01
CA THR A 211 -7.06 24.39 -15.16
C THR A 211 -8.02 23.25 -14.80
N ASN A 212 -8.20 22.95 -13.48
CA ASN A 212 -9.10 21.91 -13.01
C ASN A 212 -10.47 22.45 -12.65
N PHE A 213 -10.52 23.75 -12.27
CA PHE A 213 -11.67 24.41 -11.68
C PHE A 213 -12.88 24.57 -12.59
N ALA A 214 -12.71 24.58 -13.92
CA ALA A 214 -13.90 24.61 -14.79
C ALA A 214 -14.60 23.23 -14.66
N GLY A 215 -13.82 22.15 -14.59
CA GLY A 215 -14.31 20.78 -14.40
C GLY A 215 -14.90 20.58 -13.02
N ILE A 216 -14.22 21.10 -12.00
CA ILE A 216 -14.65 21.01 -10.59
C ILE A 216 -15.97 21.74 -10.38
N LEU A 217 -16.10 22.95 -10.89
CA LEU A 217 -17.36 23.67 -10.69
C LEU A 217 -18.53 23.07 -11.48
N SER A 218 -18.29 22.53 -12.67
CA SER A 218 -19.41 21.97 -13.43
C SER A 218 -19.76 20.51 -13.07
N GLN A 219 -18.76 19.66 -12.75
CA GLN A 219 -18.95 18.24 -12.46
C GLN A 219 -18.72 17.87 -11.02
N GLY A 220 -18.09 18.78 -10.26
CA GLY A 220 -17.77 18.57 -8.87
C GLY A 220 -16.48 17.80 -8.73
N LEU A 221 -16.01 17.64 -7.48
CA LEU A 221 -14.86 16.82 -7.14
C LEU A 221 -15.27 15.40 -7.46
N ARG A 222 -14.41 14.70 -8.17
CA ARG A 222 -14.70 13.37 -8.68
C ARG A 222 -13.57 12.47 -8.35
N ILE A 223 -13.87 11.16 -8.30
CA ILE A 223 -12.92 10.09 -8.01
C ILE A 223 -12.39 9.63 -9.34
N ALA A 224 -11.09 9.20 -9.40
CA ALA A 224 -10.45 8.67 -10.60
C ALA A 224 -11.33 7.49 -11.15
N PRO A 225 -11.44 7.29 -12.48
CA PRO A 225 -12.36 6.26 -13.02
C PRO A 225 -11.97 4.81 -12.73
N PRO A 226 -12.85 3.79 -12.96
CA PRO A 226 -12.47 2.40 -12.64
C PRO A 226 -11.21 1.86 -13.31
N GLU A 227 -10.84 2.39 -14.49
CA GLU A 227 -9.66 1.97 -15.26
C GLU A 227 -8.36 2.34 -14.55
N ALA A 228 -8.39 3.43 -13.75
CA ALA A 228 -7.27 3.97 -12.96
C ALA A 228 -6.66 2.97 -11.98
N PRO A 229 -5.30 2.92 -11.91
CA PRO A 229 -4.64 2.00 -10.96
C PRO A 229 -4.82 2.45 -9.52
N VAL A 230 -5.49 1.62 -8.68
CA VAL A 230 -5.79 1.91 -7.27
C VAL A 230 -4.48 2.16 -6.48
N THR A 231 -3.34 1.59 -6.96
CA THR A 231 -2.03 1.74 -6.33
C THR A 231 -1.33 3.08 -6.66
N GLY A 232 -1.89 3.84 -7.59
CA GLY A 232 -1.35 5.13 -7.97
C GLY A 232 -1.67 6.26 -6.99
N TYR A 233 -2.46 5.95 -5.94
CA TYR A 233 -2.96 6.89 -4.92
C TYR A 233 -2.78 6.26 -3.56
N MET A 234 -2.22 7.03 -2.61
CA MET A 234 -1.86 6.59 -1.27
C MET A 234 -2.96 5.77 -0.53
N PHE A 235 -4.21 6.24 -0.56
CA PHE A 235 -5.34 5.58 0.11
C PHE A 235 -6.40 5.12 -0.90
N GLY A 236 -5.94 4.76 -2.09
CA GLY A 236 -6.82 4.30 -3.15
C GLY A 236 -7.57 5.43 -3.81
N LYS A 237 -8.65 5.08 -4.49
CA LYS A 237 -9.42 6.01 -5.31
C LYS A 237 -10.62 6.63 -4.57
N GLY A 238 -10.37 7.82 -4.03
CA GLY A 238 -11.36 8.62 -3.33
C GLY A 238 -11.15 10.09 -3.59
N ILE A 239 -11.78 10.98 -2.78
CA ILE A 239 -11.60 12.44 -2.88
C ILE A 239 -10.82 12.85 -1.66
N TYR A 240 -9.64 13.45 -1.88
CA TYR A 240 -8.69 13.80 -0.81
C TYR A 240 -8.82 15.25 -0.34
N PHE A 241 -8.83 15.45 0.98
CA PHE A 241 -8.95 16.75 1.65
C PHE A 241 -7.89 16.91 2.74
N ALA A 242 -7.57 18.16 3.10
CA ALA A 242 -6.60 18.49 4.14
C ALA A 242 -7.17 19.49 5.15
N ASP A 243 -6.67 19.48 6.38
CA ASP A 243 -7.06 20.43 7.43
C ASP A 243 -6.00 21.53 7.59
N MET A 244 -4.85 21.40 6.88
CA MET A 244 -3.76 22.39 6.83
C MET A 244 -3.82 23.04 5.45
N VAL A 245 -4.16 24.36 5.38
CA VAL A 245 -4.28 25.13 4.15
C VAL A 245 -3.08 24.96 3.19
N SER A 246 -1.84 25.00 3.73
CA SER A 246 -0.60 24.89 2.99
C SER A 246 -0.46 23.50 2.37
N LYS A 247 -0.96 22.41 3.02
CA LYS A 247 -0.91 21.06 2.45
C LYS A 247 -1.72 20.99 1.12
N SER A 248 -2.89 21.68 1.09
CA SER A 248 -3.75 21.74 -0.09
C SER A 248 -3.26 22.75 -1.09
N ALA A 249 -2.77 23.93 -0.62
CA ALA A 249 -2.25 24.99 -1.50
C ALA A 249 -1.04 24.52 -2.32
N ASN A 250 -0.34 23.45 -1.85
CA ASN A 250 0.77 22.82 -2.59
C ASN A 250 0.24 22.15 -3.87
N TYR A 251 -1.05 21.77 -3.89
CA TYR A 251 -1.72 21.21 -5.06
C TYR A 251 -2.13 22.27 -6.12
N CYS A 252 -1.92 23.56 -5.84
CA CYS A 252 -2.19 24.66 -6.77
C CYS A 252 -1.11 24.73 -7.85
N HIS A 253 0.11 24.26 -7.54
CA HIS A 253 1.30 24.22 -8.41
C HIS A 253 1.60 25.60 -9.03
N THR A 254 1.56 26.63 -8.18
CA THR A 254 1.86 28.00 -8.54
C THR A 254 3.39 28.16 -8.55
N SER A 255 3.88 29.29 -9.07
CA SER A 255 5.32 29.60 -9.12
C SER A 255 5.49 31.10 -9.17
N GLN A 256 6.73 31.57 -9.28
CA GLN A 256 7.07 32.99 -9.39
C GLN A 256 6.48 33.56 -10.70
N GLY A 257 6.35 32.71 -11.71
CA GLY A 257 5.81 33.01 -13.03
C GLY A 257 4.30 32.90 -13.15
N ASP A 258 3.61 32.42 -12.09
CA ASP A 258 2.14 32.29 -11.99
C ASP A 258 1.79 32.15 -10.48
N PRO A 259 1.80 33.26 -9.68
CA PRO A 259 1.59 33.11 -8.22
C PRO A 259 0.14 33.12 -7.75
N ILE A 260 -0.84 33.06 -8.67
CA ILE A 260 -2.26 33.09 -8.31
C ILE A 260 -2.84 31.69 -8.35
N GLY A 261 -3.36 31.23 -7.22
CA GLY A 261 -3.96 29.90 -7.08
C GLY A 261 -5.40 29.95 -6.63
N LEU A 262 -6.05 28.78 -6.69
CA LEU A 262 -7.45 28.58 -6.28
C LEU A 262 -7.57 27.39 -5.32
N ILE A 263 -8.31 27.57 -4.23
CA ILE A 263 -8.48 26.51 -3.24
C ILE A 263 -9.91 26.41 -2.78
N LEU A 264 -10.41 25.18 -2.61
CA LEU A 264 -11.81 25.02 -2.17
C LEU A 264 -11.88 24.77 -0.68
N LEU A 265 -13.06 25.06 -0.12
CA LEU A 265 -13.49 24.74 1.24
C LEU A 265 -14.78 23.94 1.07
N GLY A 266 -14.72 22.65 1.41
CA GLY A 266 -15.88 21.78 1.26
C GLY A 266 -16.35 21.18 2.56
N GLU A 267 -17.66 20.99 2.69
CA GLU A 267 -18.22 20.33 3.85
C GLU A 267 -18.20 18.86 3.49
N VAL A 268 -17.44 18.07 4.29
CA VAL A 268 -17.23 16.66 4.05
C VAL A 268 -17.85 15.84 5.19
N ALA A 269 -18.77 14.94 4.81
CA ALA A 269 -19.44 14.04 5.75
C ALA A 269 -18.49 12.86 5.97
N LEU A 270 -17.68 12.95 7.05
CA LEU A 270 -16.67 11.96 7.36
C LEU A 270 -17.22 10.73 8.07
N GLY A 271 -18.25 10.92 8.88
CA GLY A 271 -18.84 9.82 9.64
C GLY A 271 -17.77 9.12 10.46
N ASN A 272 -17.85 7.78 10.50
CA ASN A 272 -16.90 6.91 11.21
C ASN A 272 -15.63 6.79 10.36
N MET A 273 -14.52 7.40 10.86
CA MET A 273 -13.23 7.43 10.16
C MET A 273 -12.40 6.17 10.38
N TYR A 274 -11.83 5.64 9.30
CA TYR A 274 -10.93 4.49 9.32
C TYR A 274 -9.52 5.13 9.34
N GLU A 275 -8.89 5.07 10.51
CA GLU A 275 -7.61 5.73 10.83
C GLU A 275 -6.40 4.91 10.42
N LEU A 276 -5.58 5.49 9.50
CA LEU A 276 -4.40 4.82 8.95
C LEU A 276 -3.19 5.74 9.01
N LYS A 277 -2.00 5.15 9.20
CA LYS A 277 -0.71 5.87 9.28
C LYS A 277 0.13 5.69 8.00
N HIS A 278 -0.18 4.65 7.18
CA HIS A 278 0.60 4.27 5.99
C HIS A 278 -0.29 3.92 4.82
N ALA A 279 0.27 3.91 3.60
CA ALA A 279 -0.46 3.62 2.36
C ALA A 279 -1.28 2.34 2.45
N SER A 280 -2.53 2.46 2.02
CA SER A 280 -3.48 1.39 1.97
C SER A 280 -4.31 1.60 0.69
N HIS A 281 -3.93 0.91 -0.38
CA HIS A 281 -4.54 1.00 -1.72
C HIS A 281 -5.85 0.23 -1.79
N ILE A 282 -6.91 0.81 -1.15
CA ILE A 282 -8.25 0.21 -1.00
C ILE A 282 -9.25 0.64 -2.07
N SER A 283 -10.17 -0.28 -2.40
CA SER A 283 -11.24 -0.12 -3.38
C SER A 283 -12.58 0.18 -2.67
N LYS A 284 -12.79 -0.45 -1.50
CA LYS A 284 -14.01 -0.31 -0.69
C LYS A 284 -13.63 -0.20 0.78
N LEU A 285 -14.34 0.67 1.53
CA LEU A 285 -14.12 0.84 2.98
C LEU A 285 -14.67 -0.36 3.74
N PRO A 286 -14.10 -0.71 4.92
CA PRO A 286 -14.72 -1.78 5.74
C PRO A 286 -16.11 -1.34 6.23
N LYS A 287 -17.00 -2.31 6.47
CA LYS A 287 -18.38 -2.11 6.96
C LYS A 287 -18.40 -1.21 8.22
N GLY A 288 -19.26 -0.21 8.19
CA GLY A 288 -19.41 0.74 9.29
C GLY A 288 -18.61 2.02 9.15
N LYS A 289 -17.56 2.02 8.30
CA LYS A 289 -16.69 3.18 8.02
C LYS A 289 -17.26 4.00 6.87
N HIS A 290 -17.09 5.35 6.93
CA HIS A 290 -17.60 6.29 5.91
C HIS A 290 -16.47 7.08 5.26
N SER A 291 -15.27 7.03 5.85
CA SER A 291 -14.10 7.76 5.37
C SER A 291 -12.83 7.13 5.88
N VAL A 292 -11.71 7.58 5.33
CA VAL A 292 -10.39 7.21 5.76
C VAL A 292 -9.75 8.49 6.29
N LYS A 293 -9.08 8.38 7.44
CA LYS A 293 -8.33 9.50 7.94
C LYS A 293 -6.85 9.06 7.98
N GLY A 294 -6.03 9.73 7.17
CA GLY A 294 -4.58 9.57 7.17
C GLY A 294 -4.05 10.35 8.38
N LEU A 295 -3.53 9.66 9.39
CA LEU A 295 -3.09 10.32 10.64
C LEU A 295 -1.73 11.00 10.54
N GLY A 296 -1.72 12.33 10.60
CA GLY A 296 -0.50 13.12 10.56
C GLY A 296 0.12 13.29 11.92
N LYS A 297 1.46 13.59 11.95
CA LYS A 297 2.23 13.87 13.19
C LYS A 297 1.71 15.15 13.79
N THR A 298 1.30 16.09 12.92
CA THR A 298 0.79 17.38 13.35
C THR A 298 -0.69 17.46 13.03
N THR A 299 -1.43 18.14 13.91
CA THR A 299 -2.85 18.41 13.78
C THR A 299 -3.19 19.83 14.25
N PRO A 300 -4.16 20.54 13.60
CA PRO A 300 -4.63 21.81 14.17
C PRO A 300 -5.19 21.51 15.57
N ASP A 301 -4.90 22.38 16.57
CA ASP A 301 -5.34 22.20 17.96
C ASP A 301 -6.86 21.89 18.05
N PRO A 302 -7.25 20.65 18.47
CA PRO A 302 -8.69 20.28 18.54
C PRO A 302 -9.55 21.13 19.49
N SER A 303 -8.96 21.75 20.52
CA SER A 303 -9.72 22.60 21.43
C SER A 303 -10.02 23.99 20.82
N ALA A 304 -9.40 24.30 19.66
CA ALA A 304 -9.59 25.55 18.93
C ALA A 304 -10.62 25.46 17.80
N ASN A 305 -11.30 24.28 17.65
CA ASN A 305 -12.35 24.05 16.65
C ASN A 305 -13.52 25.00 16.88
N ILE A 306 -13.99 25.63 15.78
CA ILE A 306 -15.08 26.61 15.70
C ILE A 306 -16.19 26.03 14.79
N SER A 307 -17.43 26.54 14.86
CA SER A 307 -18.55 26.07 14.05
C SER A 307 -19.06 27.17 13.09
N LEU A 308 -19.20 26.81 11.80
CA LEU A 308 -19.70 27.68 10.74
C LEU A 308 -20.81 26.91 10.01
N ASP A 309 -22.08 27.23 10.35
CA ASP A 309 -23.31 26.62 9.85
C ASP A 309 -23.46 25.16 10.30
N GLY A 310 -23.09 24.90 11.57
CA GLY A 310 -23.15 23.58 12.19
C GLY A 310 -22.08 22.60 11.77
N VAL A 311 -21.12 23.06 10.96
CA VAL A 311 -20.00 22.25 10.45
C VAL A 311 -18.75 22.59 11.25
N ASP A 312 -17.97 21.57 11.66
CA ASP A 312 -16.74 21.79 12.41
C ASP A 312 -15.62 22.39 11.56
N VAL A 313 -15.03 23.47 12.03
CA VAL A 313 -13.96 24.17 11.30
C VAL A 313 -12.64 24.02 12.08
N PRO A 314 -11.70 23.12 11.65
CA PRO A 314 -10.47 22.94 12.45
C PRO A 314 -9.42 24.03 12.19
N LEU A 315 -9.70 25.27 12.64
CA LEU A 315 -8.82 26.41 12.40
C LEU A 315 -7.75 26.64 13.47
N GLY A 316 -7.57 25.69 14.39
CA GLY A 316 -6.55 25.77 15.42
C GLY A 316 -5.14 25.76 14.85
N THR A 317 -4.14 26.23 15.63
CA THR A 317 -2.75 26.22 15.14
C THR A 317 -2.21 24.80 15.24
N GLY A 318 -1.24 24.47 14.39
CA GLY A 318 -0.60 23.16 14.37
C GLY A 318 0.11 22.76 15.66
N ILE A 319 -0.35 21.65 16.25
CA ILE A 319 0.21 21.02 17.47
C ILE A 319 0.47 19.53 17.15
N SER A 320 1.24 18.84 18.01
CA SER A 320 1.52 17.41 17.89
C SER A 320 0.23 16.60 18.10
N SER A 321 -0.06 15.64 17.21
CA SER A 321 -1.24 14.77 17.34
C SER A 321 -1.06 13.70 18.45
N GLY A 322 0.19 13.30 18.66
CA GLY A 322 0.54 12.26 19.62
C GLY A 322 0.80 10.96 18.87
N VAL A 323 0.47 10.96 17.55
CA VAL A 323 0.64 9.81 16.66
C VAL A 323 2.15 9.56 16.34
N ASN A 324 2.59 8.34 16.61
CA ASN A 324 3.96 7.87 16.39
C ASN A 324 4.08 7.00 15.12
N ASP A 325 5.28 7.00 14.51
CA ASP A 325 5.68 6.20 13.34
C ASP A 325 4.67 6.23 12.19
N THR A 326 4.19 7.44 11.85
CA THR A 326 3.25 7.62 10.76
C THR A 326 4.00 8.13 9.53
N SER A 327 3.52 7.77 8.33
CA SER A 327 4.14 8.19 7.06
C SER A 327 3.68 9.62 6.64
N LEU A 328 2.86 10.28 7.49
CA LEU A 328 2.34 11.59 7.17
C LEU A 328 2.69 12.63 8.17
N LEU A 329 3.11 13.77 7.66
CA LEU A 329 3.40 14.94 8.45
C LEU A 329 2.09 15.56 8.89
N TYR A 330 1.07 15.52 8.02
CA TYR A 330 -0.23 16.14 8.27
C TYR A 330 -1.33 15.23 7.93
N ASN A 331 -2.48 15.46 8.57
CA ASN A 331 -3.70 14.70 8.31
C ASN A 331 -4.18 14.83 6.87
N GLU A 332 -4.95 13.82 6.44
CA GLU A 332 -5.66 13.82 5.19
C GLU A 332 -6.92 13.01 5.36
N TYR A 333 -7.95 13.43 4.66
CA TYR A 333 -9.29 12.84 4.74
C TYR A 333 -9.73 12.39 3.36
N ILE A 334 -10.16 11.12 3.23
CA ILE A 334 -10.57 10.56 1.95
C ILE A 334 -11.98 9.97 2.07
N VAL A 335 -12.87 10.38 1.14
CA VAL A 335 -14.24 9.89 1.00
C VAL A 335 -14.32 9.11 -0.34
N TYR A 336 -15.07 8.03 -0.37
CA TYR A 336 -15.12 7.13 -1.53
C TYR A 336 -16.48 7.17 -2.22
N ASP A 337 -17.33 8.16 -1.82
CA ASP A 337 -18.63 8.44 -2.44
C ASP A 337 -18.66 9.94 -2.73
N ILE A 338 -18.86 10.33 -4.00
CA ILE A 338 -18.89 11.74 -4.43
C ILE A 338 -20.01 12.54 -3.73
N ALA A 339 -21.10 11.86 -3.30
CA ALA A 339 -22.23 12.50 -2.62
C ALA A 339 -21.90 13.08 -1.21
N GLN A 340 -20.83 12.57 -0.57
CA GLN A 340 -20.31 12.95 0.76
C GLN A 340 -19.60 14.35 0.79
N VAL A 341 -19.53 15.03 -0.36
CA VAL A 341 -18.90 16.35 -0.52
C VAL A 341 -19.93 17.41 -0.94
N ASN A 342 -19.98 18.52 -0.17
CA ASN A 342 -20.80 19.68 -0.51
C ASN A 342 -19.87 20.90 -0.54
N LEU A 343 -19.50 21.36 -1.75
CA LEU A 343 -18.60 22.50 -1.93
C LEU A 343 -19.21 23.76 -1.37
N LYS A 344 -18.44 24.50 -0.54
CA LYS A 344 -18.99 25.67 0.13
C LYS A 344 -18.34 26.97 -0.30
N TYR A 345 -17.03 26.99 -0.40
CA TYR A 345 -16.29 28.19 -0.80
C TYR A 345 -15.21 27.88 -1.78
N LEU A 346 -14.79 28.93 -2.48
CA LEU A 346 -13.68 28.95 -3.42
C LEU A 346 -12.89 30.20 -3.09
N LEU A 347 -11.57 30.05 -2.87
CA LEU A 347 -10.71 31.18 -2.56
C LEU A 347 -9.67 31.40 -3.64
N LYS A 348 -9.45 32.67 -4.01
CA LYS A 348 -8.40 33.08 -4.93
C LYS A 348 -7.29 33.56 -4.03
N LEU A 349 -6.11 32.95 -4.15
CA LEU A 349 -4.96 33.30 -3.29
C LEU A 349 -3.74 33.76 -4.09
N LYS A 350 -3.01 34.74 -3.53
CA LYS A 350 -1.75 35.19 -4.08
C LYS A 350 -0.67 34.53 -3.20
N PHE A 351 0.21 33.74 -3.82
CA PHE A 351 1.33 33.05 -3.17
C PHE A 351 2.53 33.99 -3.24
N ASN A 352 3.04 34.42 -2.09
CA ASN A 352 4.21 35.28 -2.03
C ASN A 352 5.42 34.42 -1.64
N PHE A 353 6.19 34.02 -2.66
CA PHE A 353 7.37 33.19 -2.53
C PHE A 353 8.54 33.92 -1.84
N LYS A 354 9.18 33.25 -0.87
CA LYS A 354 10.32 33.77 -0.10
C LYS A 354 11.67 33.39 -0.77
N THR A 355 11.60 32.57 -1.83
CA THR A 355 12.75 32.04 -2.59
C THR A 355 12.91 32.77 -3.91
N LYS B 6 23.16 -44.19 21.44
CA LYS B 6 22.58 -43.71 20.17
C LYS B 6 21.05 -43.63 20.26
N SER B 7 20.47 -42.57 19.65
CA SER B 7 19.04 -42.25 19.63
C SER B 7 18.08 -43.36 19.16
N LYS B 8 16.99 -43.55 19.92
CA LYS B 8 15.88 -44.47 19.64
C LYS B 8 14.81 -43.78 18.75
N LEU B 9 14.99 -42.49 18.45
CA LEU B 9 14.06 -41.71 17.63
C LEU B 9 13.92 -42.30 16.21
N PRO B 10 12.71 -42.19 15.58
CA PRO B 10 12.57 -42.70 14.19
C PRO B 10 13.60 -42.03 13.30
N LYS B 11 14.16 -42.78 12.34
CA LYS B 11 15.15 -42.27 11.39
C LYS B 11 14.66 -41.01 10.67
N PRO B 12 13.37 -40.89 10.17
CA PRO B 12 12.94 -39.62 9.56
C PRO B 12 12.98 -38.42 10.49
N VAL B 13 12.73 -38.63 11.81
CA VAL B 13 12.77 -37.56 12.84
C VAL B 13 14.23 -37.13 13.07
N GLN B 14 15.17 -38.11 13.12
CA GLN B 14 16.61 -37.89 13.29
C GLN B 14 17.19 -37.06 12.14
N ASP B 15 16.80 -37.39 10.88
CA ASP B 15 17.22 -36.70 9.68
C ASP B 15 16.70 -35.28 9.66
N LEU B 16 15.48 -35.06 10.19
CA LEU B 16 14.86 -33.74 10.29
C LEU B 16 15.65 -32.83 11.23
N ILE B 17 16.01 -33.34 12.43
CA ILE B 17 16.78 -32.61 13.46
C ILE B 17 18.14 -32.20 12.90
N LYS B 18 18.80 -33.12 12.18
CA LYS B 18 20.14 -32.90 11.60
C LYS B 18 20.12 -31.78 10.59
N MET B 19 19.09 -31.81 9.73
CA MET B 19 18.80 -30.87 8.66
C MET B 19 18.66 -29.47 9.22
N ILE B 20 17.78 -29.34 10.23
CA ILE B 20 17.34 -28.14 10.92
C ILE B 20 18.43 -27.50 11.78
N PHE B 21 19.35 -28.29 12.36
CA PHE B 21 20.41 -27.76 13.22
C PHE B 21 21.80 -27.66 12.54
N ASP B 22 21.82 -27.79 11.19
CA ASP B 22 23.04 -27.72 10.37
C ASP B 22 23.60 -26.28 10.40
N VAL B 23 24.79 -26.12 11.01
CA VAL B 23 25.51 -24.84 11.17
C VAL B 23 26.02 -24.32 9.82
N GLU B 24 26.50 -25.23 8.96
CA GLU B 24 27.01 -24.88 7.64
C GLU B 24 25.88 -24.43 6.70
N SER B 25 24.62 -24.89 6.94
CA SER B 25 23.46 -24.46 6.14
C SER B 25 23.11 -23.02 6.55
N MET B 26 23.23 -22.71 7.88
CA MET B 26 23.00 -21.39 8.46
C MET B 26 24.01 -20.41 7.86
N LYS B 27 25.26 -20.84 7.74
CA LYS B 27 26.36 -20.06 7.13
C LYS B 27 26.14 -19.88 5.61
N LYS B 28 25.78 -20.96 4.89
CA LYS B 28 25.48 -20.94 3.46
C LYS B 28 24.31 -19.97 3.17
N ALA B 29 23.35 -19.86 4.11
CA ALA B 29 22.21 -18.95 3.97
C ALA B 29 22.65 -17.50 4.14
N MET B 30 23.63 -17.24 5.04
CA MET B 30 24.14 -15.89 5.23
C MET B 30 24.95 -15.42 4.01
N VAL B 31 25.76 -16.34 3.42
CA VAL B 31 26.56 -16.14 2.21
C VAL B 31 25.66 -15.80 1.00
N GLU B 32 24.48 -16.42 0.91
CA GLU B 32 23.47 -16.21 -0.12
C GLU B 32 22.94 -14.75 -0.10
N TYR B 33 22.96 -14.13 1.08
CA TYR B 33 22.54 -12.74 1.30
C TYR B 33 23.68 -11.74 1.05
N GLU B 34 24.86 -12.26 0.69
CA GLU B 34 26.09 -11.54 0.41
C GLU B 34 26.67 -10.86 1.68
N ILE B 35 26.40 -11.44 2.87
CA ILE B 35 26.92 -10.94 4.14
C ILE B 35 28.41 -11.34 4.25
N ASP B 36 29.28 -10.42 4.69
CA ASP B 36 30.70 -10.71 4.87
C ASP B 36 30.81 -11.54 6.15
N LEU B 37 30.96 -12.86 5.96
CA LEU B 37 31.02 -13.82 7.05
C LEU B 37 32.33 -13.72 7.85
N GLN B 38 33.40 -13.14 7.25
CA GLN B 38 34.70 -12.90 7.90
C GLN B 38 34.53 -11.70 8.85
N LYS B 39 33.93 -10.59 8.35
CA LYS B 39 33.65 -9.36 9.09
C LYS B 39 32.57 -9.57 10.15
N MET B 40 31.68 -10.57 9.93
CA MET B 40 30.62 -10.89 10.87
C MET B 40 30.13 -12.35 10.75
N PRO B 41 30.77 -13.28 11.50
CA PRO B 41 30.33 -14.68 11.49
C PRO B 41 28.99 -14.90 12.20
N LEU B 42 28.51 -16.15 12.15
CA LEU B 42 27.26 -16.67 12.68
C LEU B 42 27.04 -16.42 14.18
N GLY B 43 28.12 -16.50 14.97
CA GLY B 43 28.13 -16.25 16.41
C GLY B 43 28.11 -14.79 16.79
N LYS B 44 28.36 -13.89 15.81
CA LYS B 44 28.32 -12.43 16.05
C LYS B 44 26.91 -11.86 15.79
N LEU B 45 26.02 -12.67 15.19
CA LEU B 45 24.62 -12.33 14.90
C LEU B 45 23.85 -12.12 16.21
N SER B 46 23.14 -11.00 16.34
CA SER B 46 22.38 -10.76 17.56
C SER B 46 21.06 -10.11 17.29
N LYS B 47 20.09 -10.29 18.21
CA LYS B 47 18.78 -9.68 18.04
C LYS B 47 18.85 -8.16 18.02
N ARG B 48 19.72 -7.54 18.87
CA ARG B 48 19.84 -6.08 18.96
C ARG B 48 20.50 -5.46 17.72
N GLN B 49 21.41 -6.20 17.06
CA GLN B 49 22.03 -5.76 15.80
C GLN B 49 20.94 -5.79 14.68
N ILE B 50 20.21 -6.93 14.51
CA ILE B 50 19.11 -7.12 13.54
C ILE B 50 18.00 -6.09 13.80
N GLN B 51 17.69 -5.81 15.09
CA GLN B 51 16.72 -4.80 15.50
C GLN B 51 17.21 -3.40 15.11
N ALA B 52 18.54 -3.12 15.21
CA ALA B 52 19.12 -1.83 14.77
C ALA B 52 19.08 -1.69 13.24
N ALA B 53 19.27 -2.79 12.50
CA ALA B 53 19.16 -2.79 11.04
C ALA B 53 17.69 -2.50 10.62
N TYR B 54 16.66 -3.07 11.33
CA TYR B 54 15.22 -2.80 11.09
C TYR B 54 14.90 -1.31 11.30
N SER B 55 15.48 -0.69 12.38
CA SER B 55 15.37 0.75 12.71
C SER B 55 15.96 1.61 11.56
N ILE B 56 17.04 1.17 10.86
CA ILE B 56 17.60 1.88 9.68
C ILE B 56 16.58 1.83 8.49
N LEU B 57 16.00 0.63 8.24
CA LEU B 57 14.97 0.43 7.21
C LEU B 57 13.73 1.26 7.51
N SER B 58 13.34 1.34 8.80
CA SER B 58 12.20 2.15 9.20
C SER B 58 12.49 3.63 8.97
N GLU B 59 13.73 4.06 9.27
CA GLU B 59 14.15 5.42 8.97
C GLU B 59 14.13 5.71 7.44
N VAL B 60 14.49 4.71 6.61
CA VAL B 60 14.40 4.85 5.14
C VAL B 60 12.93 5.05 4.73
N GLN B 61 11.97 4.21 5.24
CA GLN B 61 10.51 4.26 4.96
C GLN B 61 9.99 5.70 5.26
N GLN B 62 10.33 6.19 6.47
CA GLN B 62 10.00 7.50 7.01
C GLN B 62 10.57 8.63 6.10
N ALA B 63 11.83 8.47 5.65
CA ALA B 63 12.51 9.41 4.76
C ALA B 63 11.87 9.45 3.35
N VAL B 64 11.56 8.27 2.76
CA VAL B 64 10.92 8.12 1.44
C VAL B 64 9.54 8.82 1.42
N SER B 65 8.74 8.69 2.53
CA SER B 65 7.37 9.23 2.62
C SER B 65 7.31 10.75 2.81
N GLN B 66 8.21 11.34 3.62
CA GLN B 66 8.25 12.79 3.85
C GLN B 66 8.70 13.56 2.58
N GLY B 67 9.39 12.86 1.65
CA GLY B 67 9.91 13.44 0.41
C GLY B 67 11.05 14.40 0.68
N SER B 68 11.81 14.81 -0.37
CA SER B 68 12.95 15.75 -0.23
C SER B 68 13.96 15.32 0.87
N SER B 69 14.22 14.00 0.95
CA SER B 69 15.12 13.37 1.90
C SER B 69 16.03 12.31 1.23
N ASP B 70 16.11 12.31 -0.11
CA ASP B 70 16.89 11.39 -0.94
C ASP B 70 18.39 11.31 -0.59
N SER B 71 18.99 12.44 -0.16
CA SER B 71 20.38 12.56 0.28
C SER B 71 20.57 11.81 1.59
N GLN B 72 19.53 11.78 2.46
CA GLN B 72 19.55 11.06 3.72
C GLN B 72 19.35 9.57 3.46
N ILE B 73 18.46 9.22 2.51
CA ILE B 73 18.18 7.82 2.15
C ILE B 73 19.50 7.13 1.72
N LEU B 74 20.32 7.84 0.93
CA LEU B 74 21.66 7.43 0.51
C LEU B 74 22.58 7.23 1.74
N ASP B 75 22.57 8.20 2.70
CA ASP B 75 23.35 8.07 3.95
C ASP B 75 22.90 6.82 4.72
N LEU B 76 21.57 6.65 4.92
CA LEU B 76 20.95 5.53 5.63
C LEU B 76 21.25 4.17 4.97
N SER B 77 21.28 4.15 3.63
CA SER B 77 21.59 2.97 2.81
C SER B 77 23.02 2.46 3.12
N ASN B 78 24.02 3.38 3.21
CA ASN B 78 25.42 3.06 3.54
C ASN B 78 25.55 2.52 5.00
N ARG B 79 24.75 3.08 5.92
CA ARG B 79 24.73 2.67 7.34
C ARG B 79 24.20 1.24 7.46
N PHE B 80 23.16 0.88 6.68
CA PHE B 80 22.66 -0.49 6.66
C PHE B 80 23.81 -1.49 6.36
N TYR B 81 24.56 -1.25 5.27
CA TYR B 81 25.68 -2.09 4.80
C TYR B 81 26.93 -2.05 5.70
N THR B 82 26.97 -1.11 6.68
CA THR B 82 28.04 -1.01 7.67
C THR B 82 27.57 -1.86 8.86
N LEU B 83 26.27 -1.70 9.23
CA LEU B 83 25.58 -2.41 10.31
C LEU B 83 25.67 -3.91 10.01
N ILE B 84 25.33 -4.30 8.79
CA ILE B 84 25.40 -5.68 8.33
C ILE B 84 26.48 -5.66 7.24
N PRO B 85 27.74 -6.06 7.55
CA PRO B 85 28.79 -5.98 6.52
C PRO B 85 28.56 -6.95 5.37
N HIS B 86 28.60 -6.42 4.16
CA HIS B 86 28.37 -7.21 2.96
C HIS B 86 29.65 -7.32 2.12
N ASP B 87 29.68 -8.29 1.18
CA ASP B 87 30.78 -8.53 0.24
C ASP B 87 30.20 -8.88 -1.13
N PHE B 88 29.98 -7.83 -1.94
CA PHE B 88 29.44 -7.89 -3.30
C PHE B 88 30.57 -7.96 -4.34
N GLY B 89 31.81 -8.11 -3.88
CA GLY B 89 32.97 -8.16 -4.76
C GLY B 89 33.19 -6.80 -5.42
N MET B 90 33.17 -6.75 -6.75
CA MET B 90 33.37 -5.53 -7.54
C MET B 90 32.05 -4.83 -7.88
N LYS B 91 30.92 -5.41 -7.43
CA LYS B 91 29.57 -4.90 -7.69
C LYS B 91 29.17 -3.90 -6.59
N LYS B 92 28.42 -2.85 -6.97
CA LYS B 92 27.88 -1.92 -5.98
C LYS B 92 26.69 -2.63 -5.29
N PRO B 93 26.52 -2.55 -3.95
CA PRO B 93 25.36 -3.19 -3.30
C PRO B 93 24.03 -2.53 -3.70
N PRO B 94 22.88 -3.22 -3.68
CA PRO B 94 21.62 -2.55 -4.08
C PRO B 94 21.29 -1.35 -3.21
N LEU B 95 21.20 -0.17 -3.83
CA LEU B 95 20.89 1.08 -3.16
C LEU B 95 19.47 1.00 -2.60
N LEU B 96 19.33 1.19 -1.28
CA LEU B 96 18.06 1.10 -0.55
C LEU B 96 17.28 2.42 -0.53
N ASN B 97 16.77 2.82 -1.70
CA ASN B 97 15.97 4.02 -1.91
C ASN B 97 14.53 3.65 -2.30
N ASN B 98 14.37 2.55 -3.06
CA ASN B 98 13.07 2.03 -3.48
C ASN B 98 12.46 1.06 -2.43
N ALA B 99 11.15 0.83 -2.54
CA ALA B 99 10.40 -0.05 -1.64
C ALA B 99 10.77 -1.50 -1.84
N ASP B 100 11.11 -1.93 -3.08
CA ASP B 100 11.50 -3.30 -3.40
C ASP B 100 12.77 -3.70 -2.64
N SER B 101 13.75 -2.78 -2.60
CA SER B 101 15.01 -2.96 -1.89
C SER B 101 14.80 -3.07 -0.38
N VAL B 102 13.92 -2.22 0.19
CA VAL B 102 13.61 -2.20 1.62
C VAL B 102 12.83 -3.48 1.98
N GLN B 103 11.91 -3.91 1.07
CA GLN B 103 11.11 -5.12 1.23
C GLN B 103 12.00 -6.35 1.25
N ALA B 104 12.96 -6.45 0.31
CA ALA B 104 13.94 -7.53 0.23
C ALA B 104 14.82 -7.57 1.50
N LYS B 105 15.28 -6.39 2.01
CA LYS B 105 16.13 -6.33 3.21
C LYS B 105 15.36 -6.64 4.48
N ALA B 106 14.06 -6.25 4.56
CA ALA B 106 13.19 -6.61 5.67
C ALA B 106 13.01 -8.16 5.73
N GLU B 107 12.78 -8.83 4.57
CA GLU B 107 12.65 -10.30 4.45
C GLU B 107 13.97 -10.95 4.96
N MET B 108 15.13 -10.44 4.48
CA MET B 108 16.45 -10.93 4.87
C MET B 108 16.61 -10.91 6.40
N LEU B 109 16.19 -9.78 7.05
CA LEU B 109 16.27 -9.59 8.49
C LEU B 109 15.38 -10.56 9.24
N ASP B 110 14.13 -10.76 8.77
CA ASP B 110 13.15 -11.73 9.31
C ASP B 110 13.78 -13.12 9.37
N ASN B 111 14.45 -13.55 8.27
CA ASN B 111 15.17 -14.82 8.17
C ASN B 111 16.33 -14.90 9.17
N LEU B 112 17.12 -13.80 9.29
CA LEU B 112 18.26 -13.71 10.22
C LEU B 112 17.78 -13.85 11.66
N LEU B 113 16.54 -13.45 11.95
CA LEU B 113 15.96 -13.62 13.29
C LEU B 113 15.77 -15.12 13.68
N ASP B 114 15.25 -15.94 12.76
CA ASP B 114 15.06 -17.39 12.91
C ASP B 114 16.40 -18.09 13.02
N ILE B 115 17.41 -17.62 12.23
CA ILE B 115 18.78 -18.17 12.24
C ILE B 115 19.48 -17.95 13.60
N GLU B 116 19.34 -16.73 14.16
CA GLU B 116 19.86 -16.32 15.44
C GLU B 116 19.24 -17.18 16.58
N VAL B 117 17.94 -17.51 16.50
CA VAL B 117 17.27 -18.36 17.51
C VAL B 117 17.84 -19.78 17.47
N ALA B 118 18.04 -20.34 16.24
CA ALA B 118 18.62 -21.66 15.98
C ALA B 118 20.00 -21.78 16.59
N TYR B 119 20.88 -20.78 16.31
CA TYR B 119 22.26 -20.77 16.81
C TYR B 119 22.34 -20.59 18.33
N SER B 120 21.43 -19.76 18.88
CA SER B 120 21.29 -19.49 20.33
C SER B 120 20.87 -20.76 21.09
N LEU B 121 19.95 -21.54 20.52
CA LEU B 121 19.41 -22.81 21.02
C LEU B 121 20.54 -23.87 21.11
N LEU B 122 21.27 -24.04 20.00
CA LEU B 122 22.41 -24.93 19.86
C LEU B 122 23.57 -24.58 20.83
N ARG B 123 23.89 -23.29 21.00
CA ARG B 123 24.99 -22.82 21.86
C ARG B 123 24.57 -22.61 23.34
N GLY B 124 23.27 -22.60 23.60
CA GLY B 124 22.73 -22.46 24.94
C GLY B 124 22.38 -23.81 25.51
N GLY B 125 21.70 -23.78 26.65
CA GLY B 125 21.20 -24.94 27.38
C GLY B 125 22.26 -25.71 28.16
N SER B 126 21.99 -27.01 28.37
CA SER B 126 22.86 -27.98 29.05
C SER B 126 23.50 -28.97 28.09
N ASP B 127 24.77 -29.29 28.36
CA ASP B 127 25.60 -30.18 27.57
C ASP B 127 25.87 -31.50 28.30
N ASP B 128 25.59 -32.61 27.61
CA ASP B 128 25.75 -33.96 28.13
C ASP B 128 26.38 -34.85 27.06
N SER B 129 27.66 -35.23 27.26
CA SER B 129 28.44 -36.08 26.33
C SER B 129 27.81 -37.45 26.14
N SER B 130 27.28 -38.04 27.24
CA SER B 130 26.66 -39.37 27.28
C SER B 130 25.44 -39.50 26.35
N LYS B 131 24.83 -38.37 25.97
CA LYS B 131 23.65 -38.36 25.11
C LYS B 131 23.98 -38.04 23.64
N ASP B 132 23.27 -38.74 22.72
CA ASP B 132 23.33 -38.54 21.28
C ASP B 132 22.93 -37.06 20.99
N PRO B 133 23.74 -36.27 20.24
CA PRO B 133 23.39 -34.87 19.95
C PRO B 133 22.05 -34.66 19.24
N ILE B 134 21.53 -35.69 18.55
CA ILE B 134 20.21 -35.68 17.90
C ILE B 134 19.11 -35.64 18.99
N ASP B 135 19.28 -36.47 20.05
CA ASP B 135 18.38 -36.52 21.20
C ASP B 135 18.41 -35.17 21.95
N VAL B 136 19.63 -34.63 22.17
CA VAL B 136 19.87 -33.34 22.84
C VAL B 136 19.16 -32.24 22.05
N ASN B 137 19.47 -32.12 20.75
CA ASN B 137 18.89 -31.09 19.90
C ASN B 137 17.37 -31.26 19.69
N TYR B 138 16.83 -32.49 19.78
CA TYR B 138 15.38 -32.70 19.64
C TYR B 138 14.64 -32.07 20.85
N GLU B 139 15.16 -32.26 22.07
CA GLU B 139 14.55 -31.75 23.30
C GLU B 139 14.58 -30.23 23.36
N LYS B 140 15.60 -29.62 22.72
CA LYS B 140 15.80 -28.17 22.57
C LYS B 140 14.55 -27.49 21.97
N LEU B 141 13.85 -28.18 21.05
CA LEU B 141 12.69 -27.70 20.29
C LEU B 141 11.39 -27.60 21.05
N LYS B 142 11.25 -28.35 22.17
CA LYS B 142 10.05 -28.42 23.00
C LYS B 142 8.78 -28.63 22.13
N THR B 143 8.92 -29.57 21.16
CA THR B 143 7.92 -29.98 20.17
C THR B 143 7.87 -31.52 20.11
N ASP B 144 6.65 -32.09 20.14
CA ASP B 144 6.46 -33.52 19.97
C ASP B 144 6.40 -33.69 18.44
N ILE B 145 7.32 -34.47 17.88
CA ILE B 145 7.37 -34.70 16.43
C ILE B 145 7.14 -36.17 16.21
N LYS B 146 6.06 -36.51 15.51
CA LYS B 146 5.72 -37.90 15.18
C LYS B 146 5.62 -38.08 13.67
N VAL B 147 5.93 -39.27 13.16
CA VAL B 147 5.88 -39.59 11.73
C VAL B 147 4.44 -40.04 11.40
N VAL B 148 3.81 -39.42 10.39
CA VAL B 148 2.46 -39.80 9.97
C VAL B 148 2.55 -41.05 9.06
N ASP B 149 1.74 -42.09 9.37
CA ASP B 149 1.69 -43.33 8.59
C ASP B 149 1.20 -43.02 7.17
N ARG B 150 1.99 -43.40 6.16
CA ARG B 150 1.68 -43.14 4.74
C ARG B 150 0.27 -43.56 4.30
N ASP B 151 -0.25 -44.68 4.82
CA ASP B 151 -1.56 -45.19 4.40
C ASP B 151 -2.74 -44.65 5.23
N SER B 152 -2.48 -43.71 6.17
CA SER B 152 -3.54 -43.12 7.02
C SER B 152 -4.43 -42.15 6.24
N GLU B 153 -5.60 -41.80 6.83
CA GLU B 153 -6.55 -40.87 6.23
C GLU B 153 -5.99 -39.44 6.13
N GLU B 154 -5.36 -38.95 7.22
CA GLU B 154 -4.73 -37.62 7.28
C GLU B 154 -3.64 -37.46 6.20
N ALA B 155 -2.84 -38.55 5.96
CA ALA B 155 -1.78 -38.60 4.95
C ALA B 155 -2.35 -38.51 3.52
N GLU B 156 -3.52 -39.15 3.30
CA GLU B 156 -4.24 -39.16 2.02
C GLU B 156 -4.74 -37.75 1.70
N ILE B 157 -5.32 -37.06 2.70
CA ILE B 157 -5.84 -35.69 2.59
C ILE B 157 -4.71 -34.69 2.28
N ILE B 158 -3.58 -34.83 3.02
CA ILE B 158 -2.37 -34.01 2.90
C ILE B 158 -1.77 -34.16 1.48
N ARG B 159 -1.69 -35.42 0.97
CA ARG B 159 -1.14 -35.74 -0.34
C ARG B 159 -2.03 -35.20 -1.46
N LYS B 160 -3.35 -35.10 -1.22
CA LYS B 160 -4.32 -34.58 -2.21
C LYS B 160 -4.18 -33.04 -2.31
N TYR B 161 -3.96 -32.38 -1.17
CA TYR B 161 -3.74 -30.94 -1.03
C TYR B 161 -2.50 -30.53 -1.83
N VAL B 162 -1.39 -31.27 -1.70
CA VAL B 162 -0.13 -31.08 -2.43
C VAL B 162 -0.40 -31.29 -3.94
N LYS B 163 -0.98 -32.47 -4.28
CA LYS B 163 -1.32 -32.86 -5.64
C LYS B 163 -2.22 -31.85 -6.41
N ASN B 164 -3.30 -31.37 -5.78
CA ASN B 164 -4.27 -30.52 -6.44
C ASN B 164 -4.02 -29.01 -6.44
N THR B 165 -3.17 -28.48 -5.53
CA THR B 165 -3.00 -27.03 -5.42
C THR B 165 -1.60 -26.54 -5.91
N HIS B 166 -1.00 -27.28 -6.86
CA HIS B 166 0.26 -26.84 -7.44
C HIS B 166 -0.12 -26.04 -8.69
N ALA B 167 0.20 -24.74 -8.71
CA ALA B 167 -0.13 -23.82 -9.79
C ALA B 167 0.65 -24.04 -11.07
N THR B 168 -0.01 -23.89 -12.23
CA THR B 168 0.59 -24.04 -13.57
C THR B 168 1.75 -23.06 -13.73
N THR B 169 1.61 -21.82 -13.23
CA THR B 169 2.69 -20.82 -13.36
C THR B 169 3.96 -21.19 -12.55
N HIS B 170 3.87 -22.20 -11.67
CA HIS B 170 4.97 -22.71 -10.83
C HIS B 170 5.44 -24.11 -11.30
N ASN B 171 5.25 -24.42 -12.61
CA ASN B 171 5.57 -25.70 -13.25
C ASN B 171 7.09 -25.96 -13.55
N ALA B 172 8.00 -25.01 -13.23
CA ALA B 172 9.45 -25.21 -13.39
C ALA B 172 9.96 -26.35 -12.44
N TYR B 173 9.08 -26.84 -11.56
CA TYR B 173 9.35 -27.93 -10.62
C TYR B 173 8.06 -28.70 -10.29
N ASP B 174 8.24 -29.98 -9.94
CA ASP B 174 7.22 -30.91 -9.42
C ASP B 174 7.54 -31.08 -7.92
N LEU B 175 6.55 -31.55 -7.12
CA LEU B 175 6.73 -31.80 -5.69
C LEU B 175 6.50 -33.26 -5.37
N GLU B 176 7.41 -33.81 -4.54
CA GLU B 176 7.31 -35.19 -4.08
C GLU B 176 7.38 -35.17 -2.54
N VAL B 177 6.33 -35.67 -1.87
CA VAL B 177 6.28 -35.72 -0.40
C VAL B 177 7.18 -36.85 0.08
N ILE B 178 8.24 -36.51 0.83
CA ILE B 178 9.15 -37.52 1.39
C ILE B 178 8.61 -38.02 2.74
N ASP B 179 8.36 -37.09 3.67
CA ASP B 179 7.89 -37.40 5.01
C ASP B 179 6.77 -36.44 5.44
N ILE B 180 5.85 -36.94 6.26
CA ILE B 180 4.79 -36.16 6.88
C ILE B 180 4.98 -36.28 8.39
N PHE B 181 5.14 -35.14 9.07
CA PHE B 181 5.28 -35.14 10.53
C PHE B 181 4.07 -34.50 11.17
N LYS B 182 3.56 -35.11 12.25
CA LYS B 182 2.49 -34.51 13.01
C LYS B 182 3.23 -33.77 14.11
N ILE B 183 3.06 -32.44 14.20
CA ILE B 183 3.79 -31.64 15.18
C ILE B 183 2.88 -30.99 16.24
N GLU B 184 3.39 -30.98 17.49
CA GLU B 184 2.74 -30.43 18.66
C GLU B 184 3.74 -29.60 19.47
N ARG B 185 3.70 -28.27 19.28
CA ARG B 185 4.57 -27.36 20.01
C ARG B 185 4.04 -27.22 21.43
N GLU B 186 4.95 -27.29 22.41
CA GLU B 186 4.61 -27.12 23.82
C GLU B 186 3.98 -25.72 24.05
N GLY B 187 2.81 -25.71 24.69
CA GLY B 187 2.05 -24.52 25.04
C GLY B 187 1.16 -23.95 23.96
N GLU B 188 1.41 -24.32 22.70
CA GLU B 188 0.69 -23.80 21.54
C GLU B 188 -0.81 -24.10 21.57
N CYS B 189 -1.19 -25.33 21.92
CA CYS B 189 -2.58 -25.78 22.00
C CYS B 189 -3.40 -24.96 23.01
N GLN B 190 -2.79 -24.60 24.15
CA GLN B 190 -3.43 -23.81 25.19
C GLN B 190 -3.52 -22.33 24.74
N ARG B 191 -2.51 -21.84 24.00
CA ARG B 191 -2.45 -20.48 23.46
C ARG B 191 -3.59 -20.27 22.44
N TYR B 192 -3.86 -21.31 21.63
CA TYR B 192 -4.85 -21.32 20.57
C TYR B 192 -6.29 -21.39 21.06
N LYS B 193 -6.55 -21.97 22.26
CA LYS B 193 -7.88 -22.17 22.87
C LYS B 193 -8.89 -21.00 22.64
N PRO B 194 -8.61 -19.68 22.87
CA PRO B 194 -9.65 -18.66 22.62
C PRO B 194 -10.14 -18.55 21.17
N PHE B 195 -9.41 -19.18 20.22
CA PHE B 195 -9.68 -19.14 18.79
C PHE B 195 -10.08 -20.51 18.24
N LYS B 196 -10.07 -21.56 19.10
CA LYS B 196 -10.34 -22.97 18.74
C LYS B 196 -11.72 -23.22 18.12
N GLN B 197 -12.75 -22.44 18.51
CA GLN B 197 -14.09 -22.60 17.96
C GLN B 197 -14.53 -21.42 17.06
N LEU B 198 -13.57 -20.52 16.71
CA LEU B 198 -13.82 -19.36 15.84
C LEU B 198 -14.28 -19.84 14.45
N HIS B 199 -15.06 -19.01 13.75
CA HIS B 199 -15.52 -19.39 12.42
C HIS B 199 -14.37 -19.18 11.44
N ASN B 200 -14.48 -19.83 10.28
CA ASN B 200 -13.53 -19.76 9.19
C ASN B 200 -12.11 -20.21 9.61
N ARG B 201 -12.00 -21.42 10.16
CA ARG B 201 -10.70 -22.04 10.53
C ARG B 201 -10.25 -22.89 9.36
N ARG B 202 -9.09 -22.54 8.76
CA ARG B 202 -8.56 -23.21 7.57
C ARG B 202 -7.18 -23.79 7.77
N LEU B 203 -6.92 -24.92 7.11
CA LEU B 203 -5.63 -25.57 7.13
C LEU B 203 -4.87 -25.01 5.94
N LEU B 204 -3.85 -24.17 6.23
CA LEU B 204 -3.09 -23.46 5.21
C LEU B 204 -1.62 -23.74 5.25
N TRP B 205 -0.93 -23.45 4.14
CA TRP B 205 0.49 -23.64 3.93
C TRP B 205 1.31 -22.46 4.40
N HIS B 206 2.51 -22.78 4.92
CA HIS B 206 3.54 -21.82 5.27
C HIS B 206 4.86 -22.49 5.03
N GLY B 207 5.47 -22.12 3.91
CA GLY B 207 6.79 -22.58 3.53
C GLY B 207 7.81 -21.62 4.07
N SER B 208 9.01 -22.13 4.33
CA SER B 208 10.16 -21.37 4.84
C SER B 208 11.43 -22.12 4.55
N ARG B 209 12.57 -21.44 4.66
CA ARG B 209 13.88 -22.04 4.42
C ARG B 209 14.20 -22.99 5.60
N THR B 210 14.96 -24.07 5.34
CA THR B 210 15.33 -25.11 6.30
C THR B 210 15.93 -24.52 7.56
N THR B 211 16.69 -23.41 7.39
CA THR B 211 17.37 -22.64 8.43
C THR B 211 16.42 -21.83 9.33
N ASN B 212 15.12 -21.78 9.02
CA ASN B 212 14.11 -21.07 9.81
C ASN B 212 13.42 -22.01 10.81
N PHE B 213 13.41 -23.31 10.51
CA PHE B 213 12.62 -24.34 11.18
C PHE B 213 13.04 -24.69 12.60
N ALA B 214 14.30 -24.40 13.00
CA ALA B 214 14.68 -24.59 14.39
C ALA B 214 13.99 -23.48 15.18
N GLY B 215 14.01 -22.28 14.63
CA GLY B 215 13.31 -21.14 15.20
C GLY B 215 11.82 -21.38 15.28
N ILE B 216 11.19 -21.79 14.15
CA ILE B 216 9.73 -22.03 13.98
C ILE B 216 9.26 -23.09 14.96
N LEU B 217 9.95 -24.20 15.06
CA LEU B 217 9.51 -25.24 16.00
C LEU B 217 9.64 -24.84 17.47
N SER B 218 10.68 -24.07 17.82
CA SER B 218 10.84 -23.70 19.23
C SER B 218 10.04 -22.45 19.66
N GLN B 219 9.90 -21.45 18.77
CA GLN B 219 9.23 -20.17 19.08
C GLN B 219 7.90 -20.01 18.37
N GLY B 220 7.66 -20.83 17.34
CA GLY B 220 6.47 -20.76 16.53
C GLY B 220 6.62 -19.69 15.46
N LEU B 221 5.62 -19.58 14.57
CA LEU B 221 5.55 -18.54 13.56
C LEU B 221 5.27 -17.25 14.36
N ARG B 222 6.11 -16.22 14.14
CA ARG B 222 6.07 -14.95 14.82
C ARG B 222 5.91 -13.84 13.82
N ILE B 223 5.51 -12.67 14.29
CA ILE B 223 5.39 -11.47 13.45
C ILE B 223 6.75 -10.75 13.56
N ALA B 224 7.11 -9.98 12.52
CA ALA B 224 8.33 -9.16 12.51
C ALA B 224 8.32 -8.23 13.74
N PRO B 225 9.48 -7.89 14.37
CA PRO B 225 9.46 -7.10 15.62
C PRO B 225 8.98 -5.65 15.47
N PRO B 226 8.70 -4.89 16.57
CA PRO B 226 8.20 -3.53 16.42
C PRO B 226 9.09 -2.56 15.62
N GLU B 227 10.42 -2.80 15.62
CA GLU B 227 11.40 -1.97 14.90
C GLU B 227 11.21 -2.05 13.38
N ALA B 228 10.72 -3.20 12.89
CA ALA B 228 10.49 -3.50 11.48
C ALA B 228 9.53 -2.52 10.77
N PRO B 229 9.86 -2.09 9.51
CA PRO B 229 8.98 -1.17 8.81
C PRO B 229 7.70 -1.88 8.36
N VAL B 230 6.54 -1.34 8.76
CA VAL B 230 5.24 -1.91 8.37
C VAL B 230 5.06 -1.89 6.81
N THR B 231 5.72 -0.92 6.12
CA THR B 231 5.70 -0.80 4.65
C THR B 231 6.61 -1.81 3.93
N GLY B 232 7.44 -2.55 4.67
CA GLY B 232 8.32 -3.55 4.08
C GLY B 232 7.64 -4.88 3.82
N TYR B 233 6.31 -4.96 4.03
CA TYR B 233 5.47 -6.15 3.86
C TYR B 233 4.15 -5.75 3.24
N MET B 234 3.71 -6.48 2.20
CA MET B 234 2.51 -6.19 1.41
C MET B 234 1.26 -5.84 2.23
N PHE B 235 0.94 -6.62 3.27
CA PHE B 235 -0.23 -6.41 4.12
C PHE B 235 0.16 -6.11 5.57
N GLY B 236 1.30 -5.45 5.73
CA GLY B 236 1.80 -5.10 7.05
C GLY B 236 2.44 -6.26 7.77
N LYS B 237 2.57 -6.12 9.09
CA LYS B 237 3.26 -7.08 9.94
C LYS B 237 2.32 -8.11 10.56
N GLY B 238 2.22 -9.26 9.91
CA GLY B 238 1.42 -10.40 10.35
C GLY B 238 2.10 -11.71 9.98
N ILE B 239 1.35 -12.85 10.07
CA ILE B 239 1.85 -14.17 9.67
C ILE B 239 1.12 -14.54 8.37
N TYR B 240 1.89 -14.76 7.30
CA TYR B 240 1.35 -15.01 5.96
C TYR B 240 1.23 -16.50 5.62
N PHE B 241 0.08 -16.88 5.05
CA PHE B 241 -0.27 -18.26 4.66
C PHE B 241 -0.82 -18.31 3.25
N ALA B 242 -0.75 -19.49 2.59
CA ALA B 242 -1.28 -19.70 1.23
C ALA B 242 -2.15 -20.95 1.16
N ASP B 243 -3.09 -20.98 0.19
CA ASP B 243 -3.95 -22.15 -0.05
C ASP B 243 -3.46 -22.95 -1.26
N MET B 244 -2.43 -22.44 -1.97
CA MET B 244 -1.77 -23.09 -3.12
C MET B 244 -0.40 -23.53 -2.62
N VAL B 245 -0.15 -24.85 -2.52
CA VAL B 245 1.09 -25.45 -2.03
C VAL B 245 2.34 -24.84 -2.68
N SER B 246 2.31 -24.60 -4.02
CA SER B 246 3.41 -24.09 -4.81
C SER B 246 3.76 -22.64 -4.46
N LYS B 247 2.73 -21.83 -4.10
CA LYS B 247 2.95 -20.46 -3.66
C LYS B 247 3.82 -20.47 -2.37
N SER B 248 3.51 -21.34 -1.40
CA SER B 248 4.29 -21.45 -0.16
C SER B 248 5.61 -22.16 -0.37
N ALA B 249 5.64 -23.20 -1.22
CA ALA B 249 6.87 -23.96 -1.50
C ALA B 249 7.93 -23.08 -2.18
N ASN B 250 7.52 -21.95 -2.81
CA ASN B 250 8.42 -20.96 -3.40
C ASN B 250 9.22 -20.27 -2.28
N TYR B 251 8.68 -20.23 -1.05
CA TYR B 251 9.35 -19.68 0.13
C TYR B 251 10.40 -20.63 0.74
N CYS B 252 10.53 -21.87 0.21
CA CYS B 252 11.54 -22.86 0.65
C CYS B 252 12.92 -22.48 0.13
N HIS B 253 12.97 -21.76 -1.02
CA HIS B 253 14.17 -21.29 -1.71
C HIS B 253 15.15 -22.44 -1.96
N THR B 254 14.59 -23.53 -2.52
CA THR B 254 15.33 -24.72 -2.90
C THR B 254 15.92 -24.47 -4.29
N SER B 255 16.85 -25.33 -4.73
CA SER B 255 17.49 -25.23 -6.04
C SER B 255 17.93 -26.61 -6.45
N GLN B 256 18.60 -26.71 -7.59
CA GLN B 256 19.15 -27.95 -8.14
C GLN B 256 20.22 -28.48 -7.18
N GLY B 257 20.92 -27.56 -6.51
CA GLY B 257 21.98 -27.82 -5.54
C GLY B 257 21.52 -28.12 -4.12
N ASP B 258 20.21 -27.94 -3.83
CA ASP B 258 19.56 -28.23 -2.55
C ASP B 258 18.04 -28.41 -2.81
N PRO B 259 17.59 -29.57 -3.34
CA PRO B 259 16.16 -29.70 -3.71
C PRO B 259 15.20 -30.18 -2.61
N ILE B 260 15.66 -30.23 -1.37
CA ILE B 260 14.84 -30.69 -0.24
C ILE B 260 14.36 -29.48 0.56
N GLY B 261 13.03 -29.35 0.64
CA GLY B 261 12.39 -28.26 1.36
C GLY B 261 11.48 -28.74 2.47
N LEU B 262 11.06 -27.81 3.33
CA LEU B 262 10.17 -28.03 4.46
C LEU B 262 8.96 -27.05 4.40
N ILE B 263 7.77 -27.58 4.60
CA ILE B 263 6.55 -26.75 4.52
C ILE B 263 5.60 -27.11 5.65
N LEU B 264 4.98 -26.09 6.25
CA LEU B 264 4.05 -26.36 7.34
C LEU B 264 2.63 -26.34 6.86
N LEU B 265 1.77 -27.00 7.62
CA LEU B 265 0.32 -27.02 7.51
C LEU B 265 -0.18 -26.56 8.87
N GLY B 266 -0.77 -25.37 8.91
CA GLY B 266 -1.24 -24.81 10.16
C GLY B 266 -2.72 -24.55 10.16
N GLU B 267 -3.35 -24.73 11.33
CA GLU B 267 -4.76 -24.42 11.47
C GLU B 267 -4.77 -22.95 11.86
N VAL B 268 -5.38 -22.12 11.00
CA VAL B 268 -5.44 -20.68 11.15
C VAL B 268 -6.87 -20.23 11.41
N ALA B 269 -7.08 -19.54 12.54
CA ALA B 269 -8.37 -18.98 12.93
C ALA B 269 -8.50 -17.65 12.19
N LEU B 270 -9.15 -17.68 11.01
CA LEU B 270 -9.31 -16.52 10.14
C LEU B 270 -10.44 -15.61 10.56
N GLY B 271 -11.52 -16.19 11.07
CA GLY B 271 -12.70 -15.45 11.48
C GLY B 271 -13.26 -14.62 10.35
N ASN B 272 -13.55 -13.34 10.63
CA ASN B 272 -14.06 -12.37 9.65
C ASN B 272 -12.87 -11.81 8.86
N MET B 273 -12.77 -12.18 7.56
CA MET B 273 -11.67 -11.77 6.67
C MET B 273 -11.88 -10.40 6.05
N TYR B 274 -10.82 -9.57 6.09
CA TYR B 274 -10.79 -8.26 5.46
C TYR B 274 -10.16 -8.51 4.08
N GLU B 275 -11.01 -8.47 3.03
CA GLU B 275 -10.67 -8.81 1.65
C GLU B 275 -10.04 -7.66 0.88
N LEU B 276 -8.78 -7.85 0.43
CA LEU B 276 -8.02 -6.84 -0.30
C LEU B 276 -7.39 -7.40 -1.57
N LYS B 277 -7.26 -6.56 -2.60
CA LYS B 277 -6.67 -6.92 -3.89
C LYS B 277 -5.25 -6.33 -4.09
N HIS B 278 -4.86 -5.31 -3.30
CA HIS B 278 -3.61 -4.55 -3.42
C HIS B 278 -3.02 -4.26 -2.07
N ALA B 279 -1.72 -3.88 -2.04
CA ALA B 279 -0.98 -3.61 -0.81
C ALA B 279 -1.69 -2.64 0.12
N SER B 280 -1.72 -3.01 1.39
CA SER B 280 -2.31 -2.22 2.46
C SER B 280 -1.43 -2.45 3.70
N HIS B 281 -0.51 -1.51 3.94
CA HIS B 281 0.49 -1.55 5.03
C HIS B 281 -0.12 -1.17 6.36
N ILE B 282 -0.92 -2.10 6.92
CA ILE B 282 -1.68 -1.92 8.17
C ILE B 282 -0.97 -2.40 9.42
N SER B 283 -1.24 -1.69 10.54
CA SER B 283 -0.70 -1.94 11.89
C SER B 283 -1.73 -2.72 12.74
N LYS B 284 -3.01 -2.36 12.58
CA LYS B 284 -4.13 -2.96 13.28
C LYS B 284 -5.30 -3.15 12.30
N LEU B 285 -6.01 -4.29 12.42
CA LEU B 285 -7.17 -4.59 11.58
C LEU B 285 -8.35 -3.71 11.96
N PRO B 286 -9.29 -3.42 11.03
CA PRO B 286 -10.50 -2.68 11.44
C PRO B 286 -11.34 -3.53 12.39
N LYS B 287 -12.05 -2.90 13.34
CA LYS B 287 -12.91 -3.55 14.36
C LYS B 287 -13.85 -4.57 13.71
N GLY B 288 -13.90 -5.77 14.27
CA GLY B 288 -14.76 -6.83 13.73
C GLY B 288 -14.05 -7.82 12.83
N LYS B 289 -12.89 -7.42 12.25
CA LYS B 289 -12.04 -8.27 11.38
C LYS B 289 -10.99 -9.01 12.22
N HIS B 290 -10.66 -10.27 11.82
CA HIS B 290 -9.70 -11.12 12.53
C HIS B 290 -8.50 -11.50 11.65
N SER B 291 -8.62 -11.25 10.35
CA SER B 291 -7.58 -11.56 9.37
C SER B 291 -7.75 -10.72 8.11
N VAL B 292 -6.74 -10.78 7.26
CA VAL B 292 -6.74 -10.15 5.95
C VAL B 292 -6.68 -11.28 4.93
N LYS B 293 -7.49 -11.19 3.88
CA LYS B 293 -7.41 -12.13 2.79
C LYS B 293 -7.01 -11.35 1.55
N GLY B 294 -5.82 -11.64 1.02
CA GLY B 294 -5.34 -11.12 -0.25
C GLY B 294 -6.04 -11.90 -1.37
N LEU B 295 -6.93 -11.28 -2.13
CA LEU B 295 -7.71 -11.98 -3.16
C LEU B 295 -6.95 -12.25 -4.46
N GLY B 296 -6.69 -13.52 -4.75
CA GLY B 296 -5.98 -13.91 -5.97
C GLY B 296 -6.90 -14.19 -7.13
N LYS B 297 -6.39 -14.06 -8.38
CA LYS B 297 -7.11 -14.33 -9.62
C LYS B 297 -7.57 -15.80 -9.68
N THR B 298 -6.77 -16.71 -9.13
CA THR B 298 -7.02 -18.15 -9.08
C THR B 298 -7.22 -18.62 -7.64
N THR B 299 -8.24 -19.46 -7.43
CA THR B 299 -8.59 -20.05 -6.13
C THR B 299 -8.83 -21.56 -6.26
N PRO B 300 -8.46 -22.39 -5.23
CA PRO B 300 -8.84 -23.80 -5.27
C PRO B 300 -10.39 -23.85 -5.31
N ASP B 301 -10.97 -24.76 -6.11
CA ASP B 301 -12.43 -24.89 -6.26
C ASP B 301 -13.14 -24.99 -4.88
N PRO B 302 -13.96 -23.96 -4.50
CA PRO B 302 -14.64 -23.98 -3.18
C PRO B 302 -15.60 -25.14 -2.92
N SER B 303 -16.16 -25.74 -3.98
CA SER B 303 -17.06 -26.88 -3.83
C SER B 303 -16.31 -28.18 -3.53
N ALA B 304 -14.98 -28.16 -3.67
CA ALA B 304 -14.10 -29.30 -3.43
C ALA B 304 -13.47 -29.31 -2.00
N ASN B 305 -13.84 -28.33 -1.14
CA ASN B 305 -13.37 -28.22 0.25
C ASN B 305 -13.81 -29.43 1.06
N ILE B 306 -12.93 -29.92 1.92
CA ILE B 306 -13.25 -31.06 2.79
C ILE B 306 -13.00 -30.67 4.25
N SER B 307 -13.00 -31.66 5.16
CA SER B 307 -12.76 -31.42 6.59
C SER B 307 -11.81 -32.45 7.23
N LEU B 308 -10.78 -31.95 7.95
CA LEU B 308 -9.80 -32.77 8.68
C LEU B 308 -9.74 -32.21 10.11
N ASP B 309 -10.44 -32.90 11.04
CA ASP B 309 -10.59 -32.56 12.47
C ASP B 309 -11.40 -31.26 12.66
N GLY B 310 -12.45 -31.10 11.86
CA GLY B 310 -13.35 -29.95 11.91
C GLY B 310 -12.81 -28.66 11.30
N VAL B 311 -11.63 -28.75 10.67
CA VAL B 311 -10.96 -27.61 10.03
C VAL B 311 -11.16 -27.72 8.52
N ASP B 312 -11.47 -26.60 7.84
CA ASP B 312 -11.66 -26.60 6.38
C ASP B 312 -10.35 -26.78 5.64
N VAL B 313 -10.32 -27.73 4.69
CA VAL B 313 -9.10 -28.00 3.91
C VAL B 313 -9.37 -27.64 2.43
N PRO B 314 -8.85 -26.49 1.92
CA PRO B 314 -9.15 -26.10 0.51
C PRO B 314 -8.30 -26.85 -0.52
N LEU B 315 -8.51 -28.17 -0.65
CA LEU B 315 -7.71 -29.01 -1.54
C LEU B 315 -8.26 -29.12 -2.99
N GLY B 316 -9.22 -28.27 -3.36
CA GLY B 316 -9.77 -28.27 -4.71
C GLY B 316 -8.75 -27.82 -5.74
N THR B 317 -8.98 -28.13 -7.04
CA THR B 317 -8.05 -27.72 -8.09
C THR B 317 -8.27 -26.24 -8.39
N GLY B 318 -7.22 -25.56 -8.86
CA GLY B 318 -7.24 -24.15 -9.21
C GLY B 318 -8.24 -23.79 -10.30
N ILE B 319 -9.17 -22.89 -9.96
CA ILE B 319 -10.20 -22.33 -10.84
C ILE B 319 -10.13 -20.79 -10.70
N SER B 320 -10.75 -20.05 -11.64
CA SER B 320 -10.81 -18.59 -11.61
C SER B 320 -11.70 -18.15 -10.42
N SER B 321 -11.22 -17.17 -9.64
CA SER B 321 -11.97 -16.64 -8.50
C SER B 321 -13.12 -15.73 -8.95
N GLY B 322 -12.93 -15.07 -10.09
CA GLY B 322 -13.87 -14.11 -10.66
C GLY B 322 -13.43 -12.70 -10.30
N VAL B 323 -12.38 -12.59 -9.46
CA VAL B 323 -11.80 -11.34 -8.99
C VAL B 323 -11.02 -10.64 -10.13
N ASN B 324 -11.40 -9.39 -10.39
CA ASN B 324 -10.81 -8.52 -11.41
C ASN B 324 -9.85 -7.48 -10.82
N ASP B 325 -8.84 -7.09 -11.63
CA ASP B 325 -7.84 -6.05 -11.33
C ASP B 325 -7.19 -6.21 -9.96
N THR B 326 -6.78 -7.43 -9.62
CA THR B 326 -6.09 -7.72 -8.37
C THR B 326 -4.58 -7.83 -8.62
N SER B 327 -3.77 -7.46 -7.63
CA SER B 327 -2.32 -7.52 -7.75
C SER B 327 -1.77 -8.93 -7.42
N LEU B 328 -2.67 -9.90 -7.17
CA LEU B 328 -2.28 -11.23 -6.77
C LEU B 328 -2.79 -12.30 -7.66
N LEU B 329 -1.92 -13.26 -8.00
CA LEU B 329 -2.32 -14.39 -8.83
C LEU B 329 -3.06 -15.36 -7.93
N TYR B 330 -2.54 -15.58 -6.73
CA TYR B 330 -3.16 -16.50 -5.78
C TYR B 330 -3.48 -15.79 -4.48
N ASN B 331 -4.40 -16.40 -3.72
CA ASN B 331 -4.80 -15.96 -2.39
C ASN B 331 -3.67 -15.98 -1.40
N GLU B 332 -3.80 -15.16 -0.37
CA GLU B 332 -2.93 -15.14 0.79
C GLU B 332 -3.73 -14.72 1.99
N TYR B 333 -3.38 -15.29 3.14
CA TYR B 333 -4.10 -15.08 4.40
C TYR B 333 -3.10 -14.56 5.45
N ILE B 334 -3.45 -13.44 6.11
CA ILE B 334 -2.58 -12.81 7.10
C ILE B 334 -3.33 -12.64 8.42
N VAL B 335 -2.74 -13.13 9.51
CA VAL B 335 -3.21 -12.99 10.90
C VAL B 335 -2.21 -12.08 11.66
N TYR B 336 -2.72 -11.24 12.55
CA TYR B 336 -1.92 -10.23 13.23
C TYR B 336 -1.75 -10.53 14.73
N ASP B 337 -2.16 -11.75 15.14
CA ASP B 337 -1.98 -12.25 16.50
C ASP B 337 -1.38 -13.67 16.38
N ILE B 338 -0.21 -13.90 16.99
CA ILE B 338 0.48 -15.20 16.96
C ILE B 338 -0.38 -16.36 17.53
N ALA B 339 -1.32 -16.06 18.45
CA ALA B 339 -2.20 -17.04 19.08
C ALA B 339 -3.22 -17.70 18.12
N GLN B 340 -3.53 -17.03 16.99
CA GLN B 340 -4.45 -17.45 15.92
C GLN B 340 -3.89 -18.61 15.01
N VAL B 341 -2.66 -19.08 15.30
CA VAL B 341 -1.98 -20.15 14.56
C VAL B 341 -1.72 -21.38 15.46
N ASN B 342 -2.17 -22.55 15.01
CA ASN B 342 -1.88 -23.82 15.68
C ASN B 342 -1.23 -24.73 14.63
N LEU B 343 0.10 -24.88 14.72
CA LEU B 343 0.87 -25.73 13.78
C LEU B 343 0.43 -27.17 13.89
N LYS B 344 0.12 -27.80 12.73
CA LYS B 344 -0.39 -29.15 12.75
C LYS B 344 0.54 -30.16 12.12
N TYR B 345 1.11 -29.83 10.97
CA TYR B 345 2.00 -30.73 10.26
C TYR B 345 3.20 -30.00 9.73
N LEU B 346 4.24 -30.80 9.46
CA LEU B 346 5.49 -30.41 8.83
C LEU B 346 5.75 -31.45 7.77
N LEU B 347 5.97 -30.99 6.53
CA LEU B 347 6.25 -31.90 5.41
C LEU B 347 7.65 -31.67 4.89
N LYS B 348 8.36 -32.77 4.59
CA LYS B 348 9.66 -32.77 3.94
C LYS B 348 9.34 -33.07 2.51
N LEU B 349 9.71 -32.16 1.59
CA LEU B 349 9.42 -32.34 0.17
C LEU B 349 10.66 -32.34 -0.70
N LYS B 350 10.63 -33.15 -1.73
CA LYS B 350 11.65 -33.15 -2.74
C LYS B 350 11.06 -32.34 -3.91
N PHE B 351 11.84 -31.34 -4.37
CA PHE B 351 11.52 -30.48 -5.51
C PHE B 351 12.22 -31.06 -6.72
N ASN B 352 11.45 -31.52 -7.71
CA ASN B 352 12.04 -32.10 -8.92
C ASN B 352 11.94 -31.07 -10.04
N PHE B 353 13.05 -30.31 -10.23
CA PHE B 353 13.16 -29.23 -11.21
C PHE B 353 13.19 -29.76 -12.64
N LYS B 354 12.29 -29.24 -13.48
CA LYS B 354 12.27 -29.63 -14.89
C LYS B 354 13.02 -28.55 -15.64
N THR B 355 14.08 -28.98 -16.35
CA THR B 355 15.01 -28.14 -17.10
C THR B 355 14.37 -27.58 -18.37
C1 A1H64 C . -12.92 12.26 -13.16
C2 A1H64 C . -11.83 12.94 -12.38
C3 A1H64 C . -11.54 14.29 -12.60
C7 A1H64 C . -7.55 14.74 -8.05
C8 A1H64 C . -5.47 15.96 -7.85
C9 A1H64 C . -5.43 15.99 -6.34
C10 A1H64 C . -5.19 14.82 -5.60
C11 A1H64 C . -5.14 14.81 -4.21
C12 A1H64 C . -5.33 16.00 -3.50
C13 A1H64 C . -5.43 17.08 -1.46
C14 A1H64 C . -5.36 17.08 0.02
C15 A1H64 C . -5.70 18.44 -2.14
C16 A1H64 C . -5.57 17.23 -4.22
C19 A1H64 C . -7.99 15.82 -10.66
C20 A1H64 C . -10.20 12.78 -10.82
F1 A1H64 C . -9.55 12.02 -9.93
N5 A1H64 C . -11.16 12.20 -11.49
O A1H64 C . -13.49 12.83 -14.08
N A1H64 C . -13.21 11.01 -12.78
C A1H64 C . -14.25 10.24 -13.42
C5 A1H64 C . -9.82 14.13 -10.95
C4 A1H64 C . -10.53 14.88 -11.88
N1 A1H64 C . -8.75 14.67 -10.16
C18 A1H64 C . -6.64 15.89 -9.96
N2 A1H64 C . -6.80 15.91 -8.48
C6 A1H64 C . -8.91 14.70 -8.70
C17 A1H64 C . -5.61 17.17 -5.61
F A1H64 C . -5.83 18.31 -6.28
N4 A1H64 C . -5.74 18.40 -3.49
O1 A1H64 C . -5.86 19.49 -1.53
N3 A1H64 C . -5.26 15.98 -2.12
S SO4 D . 2.19 15.08 4.20
O1 SO4 D . 2.73 16.43 4.16
O2 SO4 D . 1.77 14.72 2.85
O3 SO4 D . 3.21 14.13 4.67
O4 SO4 D . 1.07 15.05 5.11
C1 A1H64 E . 10.73 -12.95 14.98
C2 A1H64 E . 10.53 -13.38 13.55
C3 A1H64 E . 11.25 -14.47 13.05
C7 A1H64 E . 8.45 -14.50 7.57
C8 A1H64 E . 9.31 -15.22 5.42
C9 A1H64 E . 7.97 -15.47 4.78
C10 A1H64 E . 7.12 -14.42 4.43
C11 A1H64 E . 5.89 -14.63 3.83
C12 A1H64 E . 5.46 -15.93 3.55
C13 A1H64 E . 3.82 -17.32 2.71
C14 A1H64 E . 2.50 -17.54 2.05
C15 A1H64 E . 4.66 -18.56 3.04
C16 A1H64 E . 6.30 -17.03 3.90
C19 A1H64 E . 10.83 -15.38 8.88
C20 A1H64 E . 9.48 -13.04 11.57
F1 A1H64 E . 8.60 -12.31 10.87
N5 A1H64 E . 9.66 -12.67 12.82
O A1H64 E . 11.61 -13.48 15.68
N A1H64 E . 9.93 -11.98 15.42
C A1H64 E . 10.01 -11.46 16.77
C5 A1H64 E . 10.12 -14.12 10.94
C4 A1H64 E . 11.03 -14.83 11.73
N1 A1H64 E . 9.89 -14.47 9.54
C18 A1H64 E . 10.76 -15.18 7.36
N2 A1H64 E . 9.38 -15.41 6.88
C6 A1H64 E . 8.52 -14.71 9.07
C17 A1H64 E . 7.53 -16.76 4.49
F A1H64 E . 8.32 -17.81 4.82
N4 A1H64 E . 5.85 -18.31 3.62
O1 A1H64 E . 4.29 -19.71 2.81
N3 A1H64 E . 4.22 -16.12 2.95
S SO4 F . 1.16 -14.09 -5.97
O1 SO4 F . 1.86 -13.66 -4.76
O2 SO4 F . 1.02 -12.89 -6.83
O3 SO4 F . 1.92 -15.14 -6.65
O4 SO4 F . -0.14 -14.67 -5.66
#